data_6KSI
#
_entry.id   6KSI
#
_cell.length_a   129.913
_cell.length_b   129.913
_cell.length_c   251.224
_cell.angle_alpha   90.000
_cell.angle_beta   90.000
_cell.angle_gamma   90.000
#
_symmetry.space_group_name_H-M   'P 41 2 2'
#
loop_
_entity.id
_entity.type
_entity.pdbx_description
1 polymer 'Lipase 2'
2 non-polymer 'ZINC ION'
3 non-polymer 'CALCIUM ION'
4 non-polymer 'HEXANOIC ACID'
5 non-polymer 'LAURIC ACID'
6 non-polymer 'PENTANOIC ACID'
7 non-polymer 'OCTANOIC ACID (CAPRYLIC ACID)'
8 non-polymer 'PALMITIC ACID'
9 non-polymer 'butanoic acid'
10 water water
#
_entity_poly.entity_id   1
_entity_poly.type   'polypeptide(L)'
_entity_poly.pdbx_seq_one_letter_code
;MNHKVHHHHHHMKANQVQPLNKYPVVFVHGFLGLVGDNAPALYPNYWGGNKFKVIEELRKQGYNVHQASVSAFGSNYDRA
VQLYYYIKGGRVDYGAAHAAKYGHERYGKTYKGIMPNWEPGKKVHLVGHSMGGQTIRLMEEFLRNGNKEEIAYHQAHGGE
ISPLFTGGHNNMVASITTLATPHNGSQAADKFGNTEAVRKIMFALNRFMGNKYSNIDLGLTQWGFKQLPNESYIDYIKRV
SKSKIWTSDDNAAYDLTLDGSAKLNNMTSMNPNITYTTYTGVSSHTGPLGYENPDLGTFFLMDTTSRIIGHDAREEWRKN
DGVVPVISSLHPSNQPFVNVTNNEPATRRGIWQVKPILQGWDHVDFIGVDFLDFKRKGSELANFYIGIINDLLSVEATEG
KGTQLKAS
;
_entity_poly.pdbx_strand_id   A,B
#
# COMPACT_ATOMS: atom_id res chain seq x y z
N GLN A 18 4.14 -26.75 33.51
CA GLN A 18 4.32 -26.92 32.03
C GLN A 18 4.77 -25.61 31.34
N PRO A 19 3.92 -24.51 31.24
CA PRO A 19 4.43 -23.26 30.52
C PRO A 19 5.67 -22.66 31.21
N LEU A 20 6.57 -22.01 30.50
CA LEU A 20 7.73 -21.37 31.20
C LEU A 20 7.33 -20.17 32.12
N ASN A 21 6.28 -19.44 31.78
CA ASN A 21 5.65 -18.42 32.63
C ASN A 21 4.54 -19.06 33.50
N LYS A 22 4.59 -18.80 34.79
CA LYS A 22 3.61 -19.21 35.78
C LYS A 22 2.26 -18.47 35.53
N TYR A 23 2.31 -17.21 35.12
CA TYR A 23 1.07 -16.52 34.94
C TYR A 23 0.84 -16.29 33.46
N PRO A 24 -0.37 -16.54 33.00
CA PRO A 24 -0.63 -16.32 31.56
C PRO A 24 -0.40 -14.84 31.13
N VAL A 25 0.08 -14.65 29.90
CA VAL A 25 0.18 -13.33 29.29
C VAL A 25 -1.01 -13.06 28.34
N VAL A 26 -1.68 -11.91 28.53
CA VAL A 26 -2.77 -11.51 27.72
C VAL A 26 -2.34 -10.22 27.05
N PHE A 27 -2.16 -10.28 25.73
CA PHE A 27 -1.91 -9.12 24.85
C PHE A 27 -3.26 -8.47 24.45
N VAL A 28 -3.33 -7.13 24.47
CA VAL A 28 -4.59 -6.43 24.31
C VAL A 28 -4.39 -5.29 23.30
N HIS A 29 -5.13 -5.38 22.20
CA HIS A 29 -4.89 -4.63 20.97
C HIS A 29 -5.48 -3.23 21.28
N GLY A 30 -5.14 -2.26 20.48
CA GLY A 30 -5.85 -0.99 20.71
C GLY A 30 -7.07 -0.65 19.85
N PHE A 31 -7.15 0.64 19.52
CA PHE A 31 -8.28 1.24 18.82
C PHE A 31 -8.33 0.64 17.47
N LEU A 32 -7.28 0.52 16.71
CA LEU A 32 -8.49 0.01 15.47
C LEU A 32 -8.72 -1.52 15.23
N GLY A 33 -8.24 -2.31 16.19
CA GLY A 33 -7.71 -3.62 15.98
C GLY A 33 -8.73 -4.72 16.00
N LEU A 34 -8.63 -5.64 15.02
CA LEU A 34 -9.51 -6.86 14.97
C LEU A 34 -8.54 -8.02 15.03
N VAL A 35 -8.77 -9.03 15.83
CA VAL A 35 -7.86 -10.16 15.83
C VAL A 35 -8.57 -11.49 15.58
N GLY A 36 -7.78 -12.52 15.27
CA GLY A 36 -8.26 -13.95 15.44
C GLY A 36 -9.41 -14.17 14.44
N ASP A 37 -10.47 -14.83 14.87
CA ASP A 37 -11.55 -15.04 13.89
C ASP A 37 -12.46 -13.88 13.55
N ASN A 38 -12.16 -12.71 14.16
CA ASN A 38 -12.95 -11.52 14.03
C ASN A 38 -12.35 -10.59 12.99
N ALA A 39 -11.32 -11.03 12.28
CA ALA A 39 -10.68 -10.15 11.25
C ALA A 39 -11.21 -10.46 9.86
N PRO A 40 -11.31 -9.48 8.97
CA PRO A 40 -11.78 -9.72 7.58
C PRO A 40 -10.93 -10.78 6.90
N ALA A 41 -11.44 -11.35 5.79
CA ALA A 41 -10.77 -12.36 4.95
C ALA A 41 -9.32 -11.99 4.60
N LEU A 42 -9.08 -10.71 4.24
CA LEU A 42 -7.76 -10.20 3.85
C LEU A 42 -7.45 -9.13 4.84
N TYR A 43 -6.44 -9.26 5.67
CA TYR A 43 -6.33 -8.32 6.85
C TYR A 43 -5.08 -8.63 7.62
N PRO A 44 -4.35 -7.56 8.18
CA PRO A 44 -3.00 -7.90 8.73
C PRO A 44 -3.22 -8.65 10.04
N ASN A 45 -2.29 -9.48 10.43
CA ASN A 45 -2.28 -10.10 11.71
C ASN A 45 -1.76 -9.00 12.76
N TYR A 46 -2.62 -8.60 13.67
CA TYR A 46 -2.38 -7.54 14.63
C TYR A 46 -1.04 -7.70 15.42
N TRP A 47 -0.91 -8.82 16.12
CA TRP A 47 0.23 -9.17 16.86
C TRP A 47 1.40 -9.73 16.10
N GLY A 48 2.06 -8.83 15.33
CA GLY A 48 3.36 -9.14 14.76
C GLY A 48 3.44 -9.09 13.25
N GLY A 49 2.31 -8.78 12.57
CA GLY A 49 2.25 -8.73 11.06
C GLY A 49 2.71 -10.09 10.52
N ASN A 50 3.45 -10.03 9.43
CA ASN A 50 4.32 -11.08 8.97
C ASN A 50 5.79 -11.13 9.47
N LYS A 51 6.09 -10.24 10.41
CA LYS A 51 7.48 -10.06 10.86
C LYS A 51 7.81 -11.00 12.02
N PHE A 52 6.93 -11.11 13.01
CA PHE A 52 7.17 -12.02 14.12
C PHE A 52 5.78 -12.33 14.69
N LYS A 53 5.31 -13.54 14.52
CA LYS A 53 3.95 -13.93 14.85
C LYS A 53 3.91 -14.19 16.34
N VAL A 54 3.46 -13.18 17.07
CA VAL A 54 3.74 -13.13 18.51
C VAL A 54 3.15 -14.35 19.21
N ILE A 55 1.85 -14.61 18.97
CA ILE A 55 1.15 -15.69 19.73
C ILE A 55 1.75 -17.04 19.38
N GLU A 56 1.90 -17.27 18.07
CA GLU A 56 2.30 -18.54 17.60
C GLU A 56 3.76 -18.88 17.96
N GLU A 57 4.70 -17.91 17.80
CA GLU A 57 6.12 -18.14 18.13
C GLU A 57 6.33 -18.25 19.63
N LEU A 58 5.68 -17.37 20.43
CA LEU A 58 5.85 -17.50 21.87
C LEU A 58 5.30 -18.84 22.43
N ARG A 59 4.19 -19.34 21.84
CA ARG A 59 3.69 -20.69 22.20
C ARG A 59 4.73 -21.77 21.88
N LYS A 60 5.29 -21.70 20.68
CA LYS A 60 6.36 -22.67 20.23
C LYS A 60 7.47 -22.69 21.21
N GLN A 61 7.86 -21.51 21.74
CA GLN A 61 9.00 -21.41 22.64
C GLN A 61 8.65 -21.76 24.06
N GLY A 62 7.40 -22.20 24.33
CA GLY A 62 7.08 -22.64 25.68
C GLY A 62 6.28 -21.67 26.54
N TYR A 63 5.82 -20.54 25.99
CA TYR A 63 5.07 -19.58 26.83
C TYR A 63 3.58 -19.72 26.68
N ASN A 64 2.82 -19.55 27.79
CA ASN A 64 1.37 -19.53 27.74
C ASN A 64 0.91 -18.04 27.50
N VAL A 65 0.47 -17.72 26.29
CA VAL A 65 0.09 -16.35 25.87
C VAL A 65 -1.26 -16.37 25.13
N HIS A 66 -1.97 -15.20 25.06
CA HIS A 66 -3.27 -15.07 24.40
C HIS A 66 -3.40 -13.67 23.91
N GLN A 67 -4.27 -13.48 22.96
CA GLN A 67 -4.52 -12.24 22.19
C GLN A 67 -5.98 -11.97 22.66
N ALA A 68 -6.26 -10.99 23.47
CA ALA A 68 -7.64 -10.67 23.78
C ALA A 68 -8.35 -10.14 22.57
N SER A 69 -9.70 -10.20 22.58
CA SER A 69 -10.50 -9.64 21.48
C SER A 69 -11.54 -8.73 22.10
N VAL A 70 -11.45 -7.40 21.90
CA VAL A 70 -12.39 -6.51 22.64
C VAL A 70 -12.82 -5.48 21.67
N SER A 71 -13.86 -4.73 21.98
CA SER A 71 -14.40 -3.73 21.07
C SER A 71 -13.30 -2.82 20.37
N ALA A 72 -13.30 -2.81 19.03
CA ALA A 72 -12.40 -2.00 18.25
C ALA A 72 -12.72 -0.52 18.27
N PHE A 73 -14.00 -0.12 18.44
CA PHE A 73 -14.36 1.28 18.39
C PHE A 73 -14.95 1.83 19.70
N GLY A 74 -15.15 0.98 20.70
CA GLY A 74 -15.87 1.43 21.90
C GLY A 74 -14.91 2.13 22.91
N SER A 75 -15.49 2.63 23.99
CA SER A 75 -14.78 3.32 25.07
C SER A 75 -13.86 2.39 25.76
N ASN A 76 -12.88 2.96 26.48
CA ASN A 76 -12.08 2.18 27.40
C ASN A 76 -12.93 1.50 28.43
N TYR A 77 -14.07 2.12 28.77
CA TYR A 77 -14.92 1.51 29.73
C TYR A 77 -15.54 0.19 29.13
N ASP A 78 -16.10 0.30 27.95
CA ASP A 78 -16.87 -0.87 27.37
C ASP A 78 -15.78 -1.96 27.13
N ARG A 79 -14.58 -1.54 26.66
CA ARG A 79 -13.48 -2.49 26.43
C ARG A 79 -12.96 -3.15 27.65
N ALA A 80 -12.92 -2.39 28.75
CA ALA A 80 -12.33 -2.99 30.02
C ALA A 80 -13.29 -4.05 30.50
N VAL A 81 -14.60 -3.78 30.39
CA VAL A 81 -15.62 -4.77 30.82
C VAL A 81 -15.44 -6.03 29.94
N GLN A 82 -15.19 -5.80 28.65
CA GLN A 82 -15.11 -6.93 27.73
C GLN A 82 -13.84 -7.67 27.99
N LEU A 83 -12.75 -6.95 28.37
CA LEU A 83 -11.52 -7.69 28.69
C LEU A 83 -11.70 -8.63 29.88
N TYR A 84 -12.35 -8.11 30.92
CA TYR A 84 -12.57 -8.96 32.07
C TYR A 84 -13.34 -10.28 31.64
N TYR A 85 -14.42 -10.12 30.89
CA TYR A 85 -15.17 -11.33 30.49
C TYR A 85 -14.40 -12.17 29.48
N TYR A 86 -13.56 -11.53 28.64
CA TYR A 86 -12.71 -12.32 27.76
C TYR A 86 -11.81 -13.25 28.59
N ILE A 87 -11.38 -12.78 29.78
CA ILE A 87 -10.43 -13.60 30.52
C ILE A 87 -11.23 -14.59 31.38
N LYS A 88 -12.17 -14.08 32.16
CA LYS A 88 -12.83 -14.85 33.16
C LYS A 88 -13.88 -15.78 32.48
N GLY A 89 -14.50 -15.34 31.37
CA GLY A 89 -15.66 -16.03 30.75
C GLY A 89 -16.93 -15.46 31.25
N GLY A 90 -17.99 -15.60 30.46
CA GLY A 90 -19.31 -15.16 30.87
C GLY A 90 -19.86 -14.12 29.91
N ARG A 91 -21.02 -13.64 30.25
CA ARG A 91 -21.73 -12.68 29.46
C ARG A 91 -21.44 -11.22 29.94
N VAL A 92 -20.99 -10.39 29.00
CA VAL A 92 -20.54 -9.05 29.26
C VAL A 92 -21.70 -8.31 29.92
N ASP A 93 -21.45 -7.65 31.08
CA ASP A 93 -22.50 -6.82 31.79
C ASP A 93 -21.76 -5.48 31.90
N TYR A 94 -22.24 -4.48 31.19
CA TYR A 94 -21.65 -3.18 31.21
C TYR A 94 -22.07 -2.39 32.46
N GLY A 95 -23.03 -2.89 33.25
CA GLY A 95 -23.54 -2.24 34.48
C GLY A 95 -24.85 -1.55 34.16
N ALA A 96 -25.87 -1.70 35.01
CA ALA A 96 -27.17 -1.04 34.81
C ALA A 96 -27.01 0.52 34.78
N ALA A 97 -26.19 1.08 35.69
CA ALA A 97 -26.12 2.56 35.84
C ALA A 97 -25.46 3.05 34.55
N HIS A 98 -24.38 2.40 34.15
CA HIS A 98 -23.66 2.88 32.92
C HIS A 98 -24.56 2.74 31.60
N ALA A 99 -25.17 1.56 31.40
CA ALA A 99 -26.21 1.38 30.26
C ALA A 99 -27.27 2.47 30.27
N ALA A 100 -27.86 2.73 31.44
CA ALA A 100 -28.96 3.76 31.55
C ALA A 100 -28.36 5.17 31.31
N LYS A 101 -27.18 5.45 31.84
CA LYS A 101 -26.59 6.76 31.60
C LYS A 101 -26.23 6.94 30.09
N TYR A 102 -25.56 5.99 29.43
CA TYR A 102 -25.14 6.33 28.04
C TYR A 102 -26.14 5.90 26.97
N GLY A 103 -27.11 5.06 27.34
CA GLY A 103 -28.25 4.62 26.44
C GLY A 103 -27.76 3.51 25.50
N HIS A 104 -27.07 2.50 26.03
CA HIS A 104 -26.80 1.33 25.18
C HIS A 104 -27.12 0.12 25.95
N GLU A 105 -26.98 -1.03 25.34
CA GLU A 105 -27.49 -2.22 26.08
C GLU A 105 -26.62 -2.47 27.33
N ARG A 106 -27.24 -3.01 28.37
CA ARG A 106 -26.52 -3.47 29.51
C ARG A 106 -25.62 -4.69 29.23
N TYR A 107 -26.15 -5.64 28.42
CA TYR A 107 -25.52 -7.01 28.27
C TYR A 107 -25.01 -7.12 26.85
N GLY A 108 -23.86 -7.70 26.71
CA GLY A 108 -23.26 -7.79 25.36
C GLY A 108 -22.98 -9.25 25.08
N LYS A 109 -21.90 -9.51 24.40
CA LYS A 109 -21.53 -10.80 23.87
C LYS A 109 -21.11 -11.71 25.05
N THR A 110 -21.07 -13.00 24.81
CA THR A 110 -20.72 -13.86 25.90
C THR A 110 -19.40 -14.58 25.51
N TYR A 111 -18.43 -14.73 26.40
CA TYR A 111 -17.10 -15.20 25.95
C TYR A 111 -16.96 -16.53 26.61
N LYS A 112 -16.12 -17.35 26.01
CA LYS A 112 -15.82 -18.62 26.62
C LYS A 112 -15.01 -18.43 27.88
N GLY A 113 -13.98 -17.59 27.86
CA GLY A 113 -13.11 -17.50 29.00
C GLY A 113 -11.82 -18.30 28.85
N ILE A 114 -10.71 -17.62 28.91
CA ILE A 114 -9.41 -18.21 28.82
C ILE A 114 -9.03 -18.69 30.22
N MET A 115 -9.50 -18.07 31.29
CA MET A 115 -9.12 -18.58 32.61
C MET A 115 -10.35 -18.60 33.47
N PRO A 116 -11.18 -19.64 33.32
CA PRO A 116 -12.47 -19.53 34.05
C PRO A 116 -12.25 -19.49 35.59
N ASN A 117 -11.06 -19.93 36.04
CA ASN A 117 -10.68 -19.97 37.43
C ASN A 117 -9.94 -18.68 37.97
N TRP A 118 -9.83 -17.63 37.16
CA TRP A 118 -9.16 -16.36 37.54
C TRP A 118 -9.83 -15.76 38.76
N GLU A 119 -9.01 -15.50 39.76
CA GLU A 119 -9.53 -15.05 41.06
C GLU A 119 -8.27 -14.68 41.87
N PRO A 120 -8.45 -14.07 43.11
CA PRO A 120 -7.28 -13.61 43.88
C PRO A 120 -6.31 -14.74 43.99
N GLY A 121 -5.04 -14.56 43.67
CA GLY A 121 -4.07 -15.66 43.78
C GLY A 121 -3.71 -16.15 42.38
N LYS A 122 -4.60 -16.02 41.40
CA LYS A 122 -4.21 -16.57 40.05
C LYS A 122 -3.96 -15.39 39.18
N LYS A 123 -2.71 -15.06 38.94
CA LYS A 123 -2.49 -13.78 38.32
C LYS A 123 -2.33 -13.90 36.81
N VAL A 124 -2.38 -12.75 36.16
CA VAL A 124 -2.18 -12.67 34.74
C VAL A 124 -1.22 -11.51 34.40
N HIS A 125 -0.36 -11.60 33.39
CA HIS A 125 0.38 -10.47 32.92
C HIS A 125 -0.41 -9.80 31.84
N LEU A 126 -0.53 -8.43 31.90
CA LEU A 126 -1.26 -7.62 30.91
C LEU A 126 -0.34 -6.80 30.02
N VAL A 127 -0.36 -7.09 28.71
CA VAL A 127 0.34 -6.26 27.74
C VAL A 127 -0.51 -5.61 26.71
N GLY A 128 -0.49 -4.27 26.73
CA GLY A 128 -1.38 -3.42 25.90
C GLY A 128 -0.62 -2.70 24.83
N HIS A 129 -1.10 -2.75 23.58
CA HIS A 129 -0.56 -1.85 22.52
C HIS A 129 -1.52 -0.69 22.39
N SER A 130 -0.93 0.48 22.33
CA SER A 130 -1.71 1.70 22.16
C SER A 130 -2.91 1.78 23.15
N MET A 131 -4.14 1.99 22.64
CA MET A 131 -5.29 2.09 23.52
C MET A 131 -5.43 0.89 24.46
N GLY A 132 -4.89 -0.29 24.07
CA GLY A 132 -4.92 -1.51 24.99
C GLY A 132 -4.34 -1.22 26.38
N GLY A 133 -3.32 -0.32 26.41
CA GLY A 133 -2.72 0.08 27.65
C GLY A 133 -3.68 0.78 28.56
N GLN A 134 -4.52 1.63 27.99
CA GLN A 134 -5.54 2.30 28.81
C GLN A 134 -6.56 1.36 29.25
N THR A 135 -6.93 0.42 28.34
CA THR A 135 -8.03 -0.48 28.71
C THR A 135 -7.66 -1.36 29.90
N ILE A 136 -6.45 -1.89 29.82
CA ILE A 136 -5.93 -2.66 30.91
C ILE A 136 -5.89 -1.89 32.27
N ARG A 137 -5.51 -0.58 32.32
CA ARG A 137 -5.49 0.14 33.63
C ARG A 137 -6.92 0.26 34.13
N LEU A 138 -7.93 0.47 33.23
CA LEU A 138 -9.26 0.65 33.72
C LEU A 138 -9.79 -0.66 34.34
N MET A 139 -9.45 -1.77 33.68
CA MET A 139 -9.90 -3.08 34.21
C MET A 139 -9.36 -3.30 35.60
N GLU A 140 -8.05 -3.13 35.81
CA GLU A 140 -7.42 -3.26 37.15
C GLU A 140 -8.09 -2.39 38.18
N GLU A 141 -8.40 -1.13 37.77
CA GLU A 141 -9.07 -0.18 38.60
C GLU A 141 -10.44 -0.77 39.08
N PHE A 142 -11.18 -1.41 38.14
CA PHE A 142 -12.45 -2.00 38.52
C PHE A 142 -12.26 -3.19 39.51
N LEU A 143 -11.29 -4.07 39.25
CA LEU A 143 -11.04 -5.21 40.15
C LEU A 143 -10.79 -4.76 41.56
N ARG A 144 -9.83 -3.79 41.70
CA ARG A 144 -9.45 -3.27 43.05
C ARG A 144 -10.55 -2.45 43.70
N ASN A 145 -11.09 -1.50 42.95
CA ASN A 145 -11.96 -0.42 43.59
C ASN A 145 -13.45 -0.52 43.20
N GLY A 146 -13.80 -1.33 42.20
CA GLY A 146 -15.19 -1.50 41.74
C GLY A 146 -15.53 -0.29 40.92
N ASN A 147 -16.80 0.00 40.81
CA ASN A 147 -17.29 1.07 40.01
C ASN A 147 -18.35 1.67 40.85
N LYS A 148 -18.22 2.93 41.19
CA LYS A 148 -19.01 3.44 42.33
C LYS A 148 -20.41 3.69 41.91
N GLU A 149 -20.62 4.20 40.70
CA GLU A 149 -21.97 4.41 40.17
C GLU A 149 -22.76 3.08 40.12
N GLU A 150 -22.15 1.97 39.74
CA GLU A 150 -22.86 0.66 39.84
C GLU A 150 -23.05 0.22 41.25
N ILE A 151 -22.02 0.40 42.11
CA ILE A 151 -22.25 0.00 43.53
C ILE A 151 -23.47 0.74 44.06
N ALA A 152 -23.52 2.08 43.86
CA ALA A 152 -24.63 2.97 44.29
C ALA A 152 -25.92 2.51 43.60
N TYR A 153 -25.87 2.25 42.30
CA TYR A 153 -27.11 1.84 41.63
C TYR A 153 -27.69 0.59 42.27
N HIS A 154 -26.88 -0.45 42.42
CA HIS A 154 -27.32 -1.73 42.97
C HIS A 154 -27.83 -1.58 44.43
N GLN A 155 -27.13 -0.85 45.28
CA GLN A 155 -27.63 -0.44 46.62
C GLN A 155 -29.05 0.12 46.62
N ALA A 156 -29.33 1.06 45.71
CA ALA A 156 -30.60 1.77 45.66
C ALA A 156 -31.63 0.85 45.00
N HIS A 157 -31.26 0.10 43.96
CA HIS A 157 -32.32 -0.62 43.18
C HIS A 157 -32.30 -2.14 43.30
N GLY A 158 -31.39 -2.77 44.05
CA GLY A 158 -31.28 -4.23 44.12
C GLY A 158 -30.88 -4.77 42.75
N GLY A 159 -31.36 -5.94 42.38
CA GLY A 159 -30.91 -6.66 41.18
C GLY A 159 -29.55 -7.32 41.38
N GLU A 160 -28.84 -7.56 40.30
CA GLU A 160 -27.56 -8.19 40.37
C GLU A 160 -26.47 -7.21 39.98
N ILE A 161 -25.25 -7.42 40.44
CA ILE A 161 -24.16 -6.57 40.06
C ILE A 161 -22.99 -7.41 39.68
N SER A 162 -22.34 -7.11 38.54
CA SER A 162 -21.18 -7.93 38.20
C SER A 162 -20.09 -7.87 39.31
N PRO A 163 -19.47 -9.02 39.60
CA PRO A 163 -18.34 -8.86 40.50
C PRO A 163 -17.14 -7.99 39.97
N LEU A 164 -17.13 -7.63 38.69
CA LEU A 164 -16.14 -6.70 38.19
C LEU A 164 -16.38 -5.31 38.90
N PHE A 165 -17.61 -5.05 39.39
CA PHE A 165 -17.90 -3.68 39.79
C PHE A 165 -17.89 -3.43 41.31
N THR A 166 -17.58 -4.41 42.08
CA THR A 166 -17.89 -4.43 43.49
C THR A 166 -16.60 -4.03 44.27
N GLY A 167 -15.42 -4.33 43.69
CA GLY A 167 -14.09 -3.95 44.27
C GLY A 167 -13.62 -5.06 45.16
N GLY A 168 -12.37 -4.92 45.64
CA GLY A 168 -11.73 -5.88 46.56
C GLY A 168 -11.16 -7.11 45.92
N HIS A 169 -10.94 -7.12 44.59
CA HIS A 169 -10.37 -8.31 43.98
C HIS A 169 -8.95 -7.94 43.61
N ASN A 170 -8.00 -8.36 44.43
CA ASN A 170 -6.57 -8.13 44.16
C ASN A 170 -5.81 -9.40 43.94
N ASN A 171 -4.49 -9.27 43.74
CA ASN A 171 -3.66 -10.41 43.39
C ASN A 171 -4.19 -11.17 42.17
N MET A 172 -4.73 -10.40 41.23
CA MET A 172 -5.20 -10.94 39.96
C MET A 172 -4.34 -10.52 38.80
N VAL A 173 -3.63 -9.42 38.99
CA VAL A 173 -2.72 -8.85 37.97
C VAL A 173 -1.33 -8.62 38.42
N ALA A 174 -0.41 -9.30 37.73
CA ALA A 174 0.98 -9.30 38.09
C ALA A 174 1.69 -8.08 37.45
N SER A 175 1.22 -7.63 36.30
CA SER A 175 2.03 -6.66 35.55
C SER A 175 1.23 -5.90 34.54
N ILE A 176 1.68 -4.71 34.28
CA ILE A 176 0.97 -3.89 33.27
C ILE A 176 2.09 -3.32 32.44
N THR A 177 2.11 -3.74 31.18
CA THR A 177 3.04 -3.20 30.23
C THR A 177 2.46 -2.57 28.99
N THR A 178 2.90 -1.37 28.67
CA THR A 178 2.20 -0.57 27.63
C THR A 178 3.16 -0.22 26.51
N LEU A 179 2.72 -0.40 25.26
CA LEU A 179 3.53 -0.10 24.06
C LEU A 179 2.88 1.01 23.33
N ALA A 180 3.50 2.20 23.25
CA ALA A 180 2.97 3.33 22.48
C ALA A 180 1.53 3.69 22.90
N THR A 181 1.25 3.49 24.19
CA THR A 181 -0.06 3.85 24.74
C THR A 181 -0.22 5.37 24.89
N PRO A 182 -1.34 5.94 24.37
CA PRO A 182 -1.57 7.37 24.56
C PRO A 182 -2.12 7.65 25.97
N HIS A 183 -1.32 7.38 27.00
CA HIS A 183 -1.74 7.68 28.39
C HIS A 183 -2.27 9.09 28.58
N ASN A 184 -1.80 10.07 27.76
CA ASN A 184 -2.19 11.47 27.95
C ASN A 184 -2.94 11.94 26.76
N GLY A 185 -3.38 11.02 25.91
CA GLY A 185 -4.32 11.42 24.80
C GLY A 185 -3.46 11.72 23.57
N SER A 186 -4.07 12.14 22.48
CA SER A 186 -3.28 12.43 21.28
C SER A 186 -4.05 13.51 20.56
N GLN A 187 -3.34 14.47 19.99
CA GLN A 187 -3.96 15.57 19.24
C GLN A 187 -4.58 14.95 17.96
N ALA A 188 -4.10 13.79 17.55
CA ALA A 188 -4.64 13.09 16.31
C ALA A 188 -6.11 12.72 16.62
N ALA A 189 -6.44 12.55 17.91
CA ALA A 189 -7.82 12.38 18.29
C ALA A 189 -8.58 13.72 18.39
N ASP A 190 -8.03 14.69 19.19
CA ASP A 190 -8.71 15.99 19.37
C ASP A 190 -8.98 16.62 18.06
N LYS A 191 -7.99 16.60 17.19
CA LYS A 191 -8.10 17.32 15.92
C LYS A 191 -8.53 16.60 14.66
N PHE A 192 -8.72 15.30 14.75
CA PHE A 192 -9.12 14.48 13.62
C PHE A 192 -9.48 13.07 14.09
N GLY A 193 -10.63 12.57 13.65
CA GLY A 193 -11.09 11.27 14.05
C GLY A 193 -12.19 11.43 15.08
N ASN A 194 -11.96 12.30 16.05
CA ASN A 194 -12.92 12.59 17.09
C ASN A 194 -13.88 13.65 16.58
N THR A 195 -13.38 14.51 15.69
CA THR A 195 -14.22 15.59 15.09
C THR A 195 -15.51 14.92 14.60
N GLU A 196 -16.56 15.72 14.54
CA GLU A 196 -17.87 15.29 14.04
C GLU A 196 -17.84 14.50 12.74
N ALA A 197 -17.25 15.10 11.71
CA ALA A 197 -17.19 14.56 10.38
C ALA A 197 -16.58 13.11 10.49
N VAL A 198 -15.58 12.91 11.34
CA VAL A 198 -14.97 11.60 11.37
C VAL A 198 -15.62 10.57 12.24
N ARG A 199 -16.23 10.99 13.33
CA ARG A 199 -17.07 10.04 14.04
C ARG A 199 -18.20 9.49 13.14
N LYS A 200 -18.85 10.36 12.35
CA LYS A 200 -19.87 9.91 11.36
C LYS A 200 -19.36 8.82 10.44
N ILE A 201 -18.14 8.97 9.90
CA ILE A 201 -17.49 7.97 9.09
C ILE A 201 -17.34 6.66 9.87
N MET A 202 -16.91 6.73 11.15
CA MET A 202 -16.58 5.53 11.84
C MET A 202 -17.90 4.83 12.18
N PHE A 203 -18.91 5.66 12.54
CA PHE A 203 -20.20 5.12 12.98
C PHE A 203 -20.89 4.49 11.72
N ALA A 204 -20.66 5.09 10.54
CA ALA A 204 -21.28 4.60 9.29
C ALA A 204 -20.61 3.22 8.96
N LEU A 205 -19.32 3.07 9.22
CA LEU A 205 -18.60 1.81 8.97
C LEU A 205 -19.16 0.77 9.93
N ASN A 206 -19.36 1.17 11.19
CA ASN A 206 -19.93 0.30 12.19
C ASN A 206 -21.35 -0.10 11.81
N ARG A 207 -22.15 0.84 11.32
CA ARG A 207 -23.52 0.48 10.86
C ARG A 207 -23.45 -0.58 9.69
N PHE A 208 -22.64 -0.26 8.67
CA PHE A 208 -22.41 -1.13 7.62
C PHE A 208 -22.01 -2.51 8.06
N MET A 209 -21.06 -2.61 8.95
CA MET A 209 -20.51 -3.97 9.24
C MET A 209 -21.42 -4.67 10.25
N GLY A 210 -22.53 -4.01 10.68
CA GLY A 210 -23.51 -4.67 11.53
C GLY A 210 -24.56 -5.34 10.53
N ASN A 211 -24.34 -5.32 9.18
CA ASN A 211 -25.42 -5.76 8.25
C ASN A 211 -25.63 -7.27 8.38
N LYS A 212 -26.75 -7.83 7.92
CA LYS A 212 -27.05 -9.21 8.27
C LYS A 212 -26.13 -10.25 7.51
N TYR A 213 -25.29 -9.83 6.56
CA TYR A 213 -24.29 -10.68 5.94
C TYR A 213 -22.92 -10.61 6.53
N SER A 214 -22.76 -9.76 7.56
CA SER A 214 -21.47 -9.53 8.15
C SER A 214 -21.13 -10.53 9.17
N ASN A 215 -19.96 -11.12 9.05
CA ASN A 215 -19.41 -11.99 10.14
C ASN A 215 -18.42 -11.27 11.05
N ILE A 216 -18.26 -9.92 10.94
CA ILE A 216 -17.24 -9.22 11.79
C ILE A 216 -17.87 -8.19 12.66
N ASP A 217 -17.36 -8.12 13.87
CA ASP A 217 -17.93 -7.32 14.92
C ASP A 217 -16.91 -6.17 15.28
N LEU A 218 -17.27 -4.93 14.97
CA LEU A 218 -16.37 -3.81 15.09
C LEU A 218 -16.53 -3.18 16.47
N GLY A 219 -17.42 -3.72 17.31
CA GLY A 219 -17.42 -3.47 18.69
C GLY A 219 -18.42 -2.46 19.22
N LEU A 220 -19.40 -2.09 18.36
CA LEU A 220 -20.47 -1.18 18.76
C LEU A 220 -21.89 -1.80 18.67
N THR A 221 -22.02 -3.13 18.68
CA THR A 221 -23.38 -3.71 18.48
C THR A 221 -24.21 -3.38 19.74
N GLN A 222 -23.57 -2.97 20.86
CA GLN A 222 -24.38 -2.68 22.06
C GLN A 222 -25.14 -1.38 21.85
N TRP A 223 -24.76 -0.61 20.82
CA TRP A 223 -25.53 0.63 20.49
C TRP A 223 -26.65 0.40 19.43
N GLY A 224 -26.86 -0.85 18.99
CA GLY A 224 -27.98 -1.22 18.10
C GLY A 224 -27.42 -1.62 16.71
N PHE A 225 -26.08 -1.49 16.49
CA PHE A 225 -25.52 -1.77 15.13
C PHE A 225 -25.47 -3.30 14.77
N LYS A 226 -26.63 -4.00 14.78
CA LYS A 226 -26.68 -5.30 14.20
C LYS A 226 -28.02 -5.30 13.46
N GLN A 227 -28.01 -5.46 12.12
CA GLN A 227 -29.25 -5.64 11.34
C GLN A 227 -29.91 -6.97 11.74
N LEU A 228 -31.19 -6.98 12.13
CA LEU A 228 -31.96 -8.27 12.24
C LEU A 228 -32.12 -9.12 10.95
N PRO A 229 -32.24 -10.45 11.12
CA PRO A 229 -32.40 -11.31 9.96
C PRO A 229 -33.54 -10.88 8.96
N ASN A 230 -34.67 -10.41 9.49
CA ASN A 230 -35.75 -9.92 8.62
C ASN A 230 -35.99 -8.46 8.52
N GLU A 231 -35.01 -7.66 8.89
CA GLU A 231 -35.13 -6.22 8.83
C GLU A 231 -34.50 -5.75 7.53
N SER A 232 -35.20 -4.89 6.81
CA SER A 232 -34.63 -4.30 5.61
C SER A 232 -33.49 -3.27 6.01
N TYR A 233 -32.50 -3.09 5.13
CA TYR A 233 -31.49 -2.10 5.28
C TYR A 233 -32.03 -0.65 5.56
N ILE A 234 -33.04 -0.26 4.80
CA ILE A 234 -33.73 1.01 5.08
C ILE A 234 -34.24 1.10 6.52
N ASP A 235 -34.86 0.02 7.04
CA ASP A 235 -35.37 0.04 8.44
C ASP A 235 -34.24 0.10 9.46
N TYR A 236 -33.17 -0.65 9.20
CA TYR A 236 -32.03 -0.72 10.02
C TYR A 236 -31.41 0.70 10.12
N ILE A 237 -31.22 1.36 8.98
CA ILE A 237 -30.78 2.74 8.99
C ILE A 237 -31.69 3.59 9.90
N LYS A 238 -33.04 3.49 9.81
CA LYS A 238 -33.87 4.39 10.65
C LYS A 238 -33.76 4.03 12.10
N ARG A 239 -33.80 2.75 12.39
CA ARG A 239 -33.76 2.38 13.78
C ARG A 239 -32.42 2.95 14.39
N VAL A 240 -31.32 2.83 13.70
CA VAL A 240 -30.06 3.05 14.45
C VAL A 240 -29.69 4.56 14.45
N SER A 241 -30.41 5.33 13.61
CA SER A 241 -30.15 6.71 13.52
C SER A 241 -30.72 7.29 14.81
N LYS A 242 -31.50 6.54 15.55
CA LYS A 242 -31.95 7.00 16.84
C LYS A 242 -31.02 6.75 17.98
N SER A 243 -29.97 5.93 17.79
CA SER A 243 -29.08 5.51 18.88
C SER A 243 -28.35 6.77 19.44
N LYS A 244 -27.97 6.76 20.69
CA LYS A 244 -27.17 7.88 21.28
C LYS A 244 -25.74 7.82 20.85
N ILE A 245 -25.34 6.76 20.13
CA ILE A 245 -23.92 6.59 19.81
C ILE A 245 -23.49 7.91 19.11
N TRP A 246 -24.37 8.50 18.30
CA TRP A 246 -23.96 9.57 17.36
C TRP A 246 -23.48 10.79 18.14
N THR A 247 -23.97 11.01 19.35
CA THR A 247 -23.60 12.19 20.08
C THR A 247 -22.88 11.80 21.38
N SER A 248 -22.71 10.54 21.68
CA SER A 248 -22.15 10.18 22.95
C SER A 248 -20.59 10.41 23.05
N ASP A 249 -20.14 10.53 24.28
CA ASP A 249 -18.72 10.37 24.58
C ASP A 249 -18.31 8.98 24.94
N ASP A 250 -19.21 7.98 25.07
CA ASP A 250 -18.84 6.62 25.55
C ASP A 250 -18.33 5.95 24.28
N ASN A 251 -17.25 6.44 23.62
CA ASN A 251 -16.60 5.77 22.42
C ASN A 251 -15.05 6.02 22.43
N ALA A 252 -14.29 5.28 21.61
CA ALA A 252 -12.85 5.37 21.49
C ALA A 252 -12.39 6.74 21.09
N ALA A 253 -13.04 7.35 20.12
CA ALA A 253 -12.45 8.58 19.61
C ALA A 253 -12.38 9.57 20.76
N TYR A 254 -13.44 9.67 21.58
CA TYR A 254 -13.44 10.60 22.69
C TYR A 254 -12.32 10.27 23.74
N ASP A 255 -12.20 8.95 24.01
CA ASP A 255 -11.31 8.52 25.11
C ASP A 255 -9.87 8.75 24.72
N LEU A 256 -9.56 8.83 23.39
CA LEU A 256 -8.23 9.00 22.97
C LEU A 256 -7.84 10.52 22.96
N THR A 257 -8.81 11.43 23.15
CA THR A 257 -8.46 12.81 23.16
C THR A 257 -7.68 13.11 24.51
N LEU A 258 -7.07 14.30 24.56
CA LEU A 258 -6.42 14.77 25.80
C LEU A 258 -7.37 14.83 26.95
N ASP A 259 -8.57 15.42 26.78
CA ASP A 259 -9.50 15.36 27.90
C ASP A 259 -9.92 13.97 28.22
N GLY A 260 -10.11 13.08 27.20
CA GLY A 260 -10.73 11.75 27.60
C GLY A 260 -9.68 10.92 28.29
N SER A 261 -8.43 11.07 27.91
CA SER A 261 -7.42 10.24 28.61
C SER A 261 -7.14 10.88 29.98
N ALA A 262 -7.29 12.21 30.11
CA ALA A 262 -6.97 12.86 31.43
C ALA A 262 -8.10 12.35 32.40
N LYS A 263 -9.33 12.17 31.91
CA LYS A 263 -10.41 11.65 32.81
C LYS A 263 -10.02 10.29 33.38
N LEU A 264 -9.36 9.49 32.56
CA LEU A 264 -8.98 8.17 33.01
C LEU A 264 -7.78 8.24 33.97
N ASN A 265 -6.73 8.98 33.59
CA ASN A 265 -5.71 9.36 34.62
C ASN A 265 -6.31 9.78 35.95
N ASN A 266 -7.27 10.68 35.96
CA ASN A 266 -7.81 11.14 37.23
C ASN A 266 -8.56 10.07 38.02
N MET A 267 -9.03 8.97 37.43
CA MET A 267 -9.78 8.03 38.25
C MET A 267 -8.89 6.80 38.50
N THR A 268 -7.63 6.79 38.07
CA THR A 268 -6.81 5.60 38.33
C THR A 268 -5.77 5.92 39.40
N SER A 269 -5.16 4.91 39.96
CA SER A 269 -4.19 5.05 41.03
C SER A 269 -3.19 3.91 40.84
N MET A 270 -2.09 3.95 41.59
CA MET A 270 -1.08 2.88 41.51
C MET A 270 -1.46 1.75 42.41
N ASN A 271 -1.20 0.52 41.94
CA ASN A 271 -1.31 -0.68 42.74
C ASN A 271 0.14 -1.07 43.14
N PRO A 272 0.40 -1.22 44.46
CA PRO A 272 1.78 -1.39 44.87
C PRO A 272 2.30 -2.79 44.64
N ASN A 273 1.46 -3.72 44.23
CA ASN A 273 1.91 -5.09 43.90
C ASN A 273 2.14 -5.31 42.40
N ILE A 274 1.85 -4.34 41.55
CA ILE A 274 1.87 -4.62 40.09
C ILE A 274 3.18 -4.02 39.54
N THR A 275 3.80 -4.70 38.60
CA THR A 275 4.96 -4.11 37.93
C THR A 275 4.47 -3.39 36.67
N TYR A 276 4.76 -2.10 36.63
CA TYR A 276 4.42 -1.21 35.56
C TYR A 276 5.60 -0.92 34.66
N THR A 277 5.36 -1.06 33.35
CA THR A 277 6.40 -0.72 32.41
C THR A 277 5.90 -0.15 31.11
N THR A 278 6.58 0.89 30.55
CA THR A 278 6.12 1.54 29.28
C THR A 278 7.20 1.47 28.19
N TYR A 279 6.78 1.35 26.92
CA TYR A 279 7.73 1.59 25.84
C TYR A 279 7.13 2.66 24.98
N THR A 280 7.97 3.34 24.23
CA THR A 280 7.56 4.49 23.47
C THR A 280 8.46 4.52 22.23
N GLY A 281 7.94 4.96 21.11
CA GLY A 281 8.75 5.09 19.89
C GLY A 281 8.79 6.56 19.41
N VAL A 282 9.81 6.96 18.62
CA VAL A 282 9.69 8.25 17.95
C VAL A 282 9.90 8.00 16.47
N SER A 283 9.27 8.79 15.60
CA SER A 283 9.41 8.51 14.21
C SER A 283 9.26 9.82 13.48
N SER A 284 9.57 10.87 14.23
CA SER A 284 9.49 12.25 13.69
C SER A 284 10.91 12.84 13.86
N HIS A 285 11.24 13.90 13.15
CA HIS A 285 12.60 14.58 13.27
C HIS A 285 12.26 16.09 13.22
N THR A 286 13.13 16.88 13.84
CA THR A 286 12.95 18.35 14.00
C THR A 286 13.28 19.13 12.72
N GLY A 287 12.36 20.01 12.31
CA GLY A 287 12.45 20.88 11.11
C GLY A 287 13.21 22.17 11.51
N PRO A 288 13.55 23.06 10.53
CA PRO A 288 14.43 24.15 11.07
C PRO A 288 13.71 25.15 12.04
N LEU A 289 12.35 25.14 12.13
CA LEU A 289 11.55 25.98 13.09
C LEU A 289 11.24 25.27 14.44
N GLY A 290 11.77 24.07 14.64
CA GLY A 290 11.46 23.33 15.86
C GLY A 290 10.19 22.47 15.72
N TYR A 291 9.61 22.42 14.51
CA TYR A 291 8.44 21.48 14.32
C TYR A 291 8.83 20.04 14.02
N GLU A 292 7.92 19.10 14.24
CA GLU A 292 8.25 17.71 13.96
C GLU A 292 7.50 17.26 12.75
N ASN A 293 8.24 16.64 11.82
CA ASN A 293 7.73 16.01 10.56
C ASN A 293 8.07 14.54 10.61
N PRO A 294 7.24 13.69 10.01
CA PRO A 294 7.44 12.23 10.08
C PRO A 294 8.70 11.78 9.34
N ASP A 295 9.46 10.85 9.88
CA ASP A 295 10.61 10.32 9.10
C ASP A 295 10.07 9.53 7.91
N LEU A 296 10.90 9.34 6.87
CA LEU A 296 10.54 8.39 5.83
C LEU A 296 10.43 7.02 6.55
N GLY A 297 9.56 6.14 6.10
CA GLY A 297 9.49 4.90 6.89
C GLY A 297 8.41 4.96 7.97
N THR A 298 7.90 6.18 8.29
CA THR A 298 6.69 6.27 9.15
C THR A 298 5.59 5.61 8.33
N PHE A 299 4.93 4.59 8.84
CA PHE A 299 3.83 4.02 8.03
C PHE A 299 2.94 5.18 7.46
N PHE A 300 2.78 5.18 6.14
CA PHE A 300 2.27 6.34 5.36
C PHE A 300 0.92 6.85 5.78
N LEU A 301 0.07 5.95 6.22
CA LEU A 301 -1.26 6.39 6.76
C LEU A 301 -1.22 7.31 7.96
N MET A 302 -0.05 7.50 8.56
CA MET A 302 0.08 8.35 9.71
C MET A 302 0.86 9.61 9.40
N ASP A 303 1.15 9.86 8.15
CA ASP A 303 1.93 11.04 7.82
C ASP A 303 1.23 12.32 8.15
N THR A 304 -0.06 12.39 7.88
CA THR A 304 -0.81 13.57 8.18
C THR A 304 -1.03 13.76 9.67
N THR A 305 -1.46 12.73 10.37
CA THR A 305 -1.61 12.78 11.80
C THR A 305 -0.18 13.14 12.49
N SER A 306 0.96 12.60 12.02
CA SER A 306 2.27 12.99 12.47
C SER A 306 2.49 14.51 12.37
N ARG A 307 2.12 15.08 11.23
CA ARG A 307 2.28 16.51 11.04
C ARG A 307 1.37 17.30 11.96
N ILE A 308 0.18 16.77 12.28
CA ILE A 308 -0.70 17.57 13.09
C ILE A 308 -0.05 17.61 14.52
N ILE A 309 0.41 16.46 14.98
CA ILE A 309 0.93 16.37 16.31
C ILE A 309 2.23 17.26 16.35
N GLY A 310 3.02 17.21 15.25
CA GLY A 310 4.33 17.75 15.13
C GLY A 310 4.34 19.26 15.13
N HIS A 311 3.19 19.86 14.80
CA HIS A 311 3.03 21.31 14.62
C HIS A 311 2.29 21.91 15.76
N ASP A 312 2.18 21.19 16.89
CA ASP A 312 1.52 21.72 18.10
C ASP A 312 2.25 23.02 18.61
N ALA A 313 1.47 23.90 19.23
CA ALA A 313 1.98 25.11 19.85
C ALA A 313 2.94 24.76 20.99
N ARG A 314 2.76 23.66 21.71
CA ARG A 314 3.58 23.33 22.89
C ARG A 314 4.65 22.33 22.44
N GLU A 315 5.87 22.69 22.61
CA GLU A 315 6.98 22.06 21.99
C GLU A 315 7.17 20.64 22.48
N GLU A 316 6.88 20.44 23.73
CA GLU A 316 7.06 19.12 24.35
C GLU A 316 5.94 18.11 23.94
N TRP A 317 4.93 18.59 23.21
CA TRP A 317 3.81 17.73 22.67
C TRP A 317 4.05 17.35 21.18
N ARG A 318 5.26 17.64 20.66
CA ARG A 318 5.51 17.56 19.23
C ARG A 318 6.08 16.23 18.78
N LYS A 319 7.18 15.79 19.40
CA LYS A 319 7.78 14.50 19.05
C LYS A 319 6.75 13.38 19.12
N ASN A 320 6.77 12.50 18.11
CA ASN A 320 5.67 11.51 18.06
C ASN A 320 6.04 10.26 17.30
N ASP A 321 5.17 9.24 17.46
CA ASP A 321 5.40 7.97 16.73
C ASP A 321 4.53 7.83 15.43
N GLY A 322 3.95 8.94 14.99
CA GLY A 322 2.93 8.86 13.90
C GLY A 322 1.57 9.30 14.42
N VAL A 323 1.18 8.83 15.59
CA VAL A 323 -0.14 9.16 16.11
C VAL A 323 -0.23 9.40 17.58
N VAL A 324 0.83 9.00 18.28
CA VAL A 324 0.94 9.33 19.68
C VAL A 324 2.22 10.16 20.04
N PRO A 325 2.02 11.31 20.71
CA PRO A 325 3.23 12.09 21.06
C PRO A 325 3.99 11.36 22.13
N VAL A 326 5.35 11.40 22.05
CA VAL A 326 6.23 10.82 23.09
C VAL A 326 5.73 11.11 24.54
N ILE A 327 5.38 12.35 24.77
CA ILE A 327 4.91 12.82 26.11
C ILE A 327 3.68 12.00 26.55
N SER A 328 2.84 11.53 25.62
CA SER A 328 1.61 10.86 26.05
C SER A 328 1.92 9.39 26.42
N SER A 329 2.91 8.87 25.72
CA SER A 329 3.30 7.45 25.85
C SER A 329 4.28 7.05 27.02
N LEU A 330 5.15 7.99 27.44
CA LEU A 330 6.17 7.65 28.45
C LEU A 330 5.47 7.23 29.70
N HIS A 331 4.40 7.91 30.12
CA HIS A 331 3.70 7.46 31.33
C HIS A 331 2.50 8.39 31.60
N PRO A 332 1.48 7.96 32.41
CA PRO A 332 0.34 8.87 32.63
C PRO A 332 0.88 10.10 33.37
N SER A 333 0.38 11.30 33.11
CA SER A 333 1.07 12.43 33.69
C SER A 333 0.76 12.58 35.19
N ASN A 334 1.77 12.90 35.96
CA ASN A 334 1.57 13.01 37.40
C ASN A 334 1.20 11.66 38.04
N GLN A 335 1.60 10.54 37.43
CA GLN A 335 1.68 9.30 38.20
C GLN A 335 3.16 8.98 38.37
N PRO A 336 3.53 8.34 39.49
CA PRO A 336 4.99 8.21 39.71
C PRO A 336 5.66 7.34 38.61
N PHE A 337 6.89 7.66 38.25
CA PHE A 337 7.61 6.97 37.19
C PHE A 337 9.10 7.05 37.52
N VAL A 338 9.88 6.11 37.01
CA VAL A 338 11.31 6.17 36.99
C VAL A 338 11.80 5.82 35.54
N ASN A 339 12.74 6.59 34.97
CA ASN A 339 13.44 6.18 33.72
C ASN A 339 14.34 5.05 33.99
N VAL A 340 14.26 4.00 33.19
CA VAL A 340 15.07 2.82 33.40
C VAL A 340 15.86 2.64 32.10
N THR A 341 16.91 1.88 32.24
CA THR A 341 17.83 1.47 31.20
C THR A 341 17.23 0.23 30.57
N ASN A 342 17.66 -0.11 29.35
CA ASN A 342 17.38 -1.45 28.86
C ASN A 342 18.04 -2.61 29.52
N ASN A 343 19.24 -2.44 30.08
CA ASN A 343 19.90 -3.55 30.79
C ASN A 343 19.34 -3.88 32.17
N GLU A 344 19.10 -2.90 33.04
CA GLU A 344 18.76 -3.23 34.45
C GLU A 344 17.50 -4.13 34.60
N PRO A 345 17.38 -4.87 35.73
CA PRO A 345 16.09 -5.54 36.01
C PRO A 345 14.94 -4.50 35.95
N ALA A 346 13.78 -4.82 35.35
CA ALA A 346 12.64 -3.86 35.37
C ALA A 346 11.61 -4.41 36.36
N THR A 347 11.98 -4.41 37.59
CA THR A 347 11.31 -5.29 38.55
C THR A 347 10.74 -4.45 39.72
N ARG A 348 10.85 -3.13 39.65
CA ARG A 348 10.17 -2.27 40.66
C ARG A 348 8.59 -2.39 40.59
N ARG A 349 7.89 -2.31 41.73
CA ARG A 349 6.43 -2.39 41.89
C ARG A 349 5.84 -0.99 42.12
N GLY A 350 4.60 -0.72 41.70
CA GLY A 350 3.98 0.55 42.02
C GLY A 350 4.49 1.79 41.30
N ILE A 351 5.25 1.70 40.20
CA ILE A 351 5.87 2.84 39.63
C ILE A 351 6.10 2.66 38.14
N TRP A 352 5.67 3.64 37.33
CA TRP A 352 5.86 3.39 35.92
C TRP A 352 7.35 3.32 35.62
N GLN A 353 7.87 2.17 35.22
CA GLN A 353 9.22 2.07 34.64
C GLN A 353 9.30 2.48 33.14
N VAL A 354 9.93 3.64 32.81
CA VAL A 354 9.99 4.13 31.46
C VAL A 354 11.21 3.70 30.69
N LYS A 355 10.97 2.94 29.66
CA LYS A 355 12.01 2.27 28.88
C LYS A 355 12.52 3.30 27.94
N PRO A 356 13.79 3.26 27.49
CA PRO A 356 14.25 4.32 26.57
C PRO A 356 13.52 4.25 25.28
N ILE A 357 13.21 5.43 24.75
CA ILE A 357 12.50 5.65 23.58
C ILE A 357 13.17 4.85 22.43
N LEU A 358 12.40 4.04 21.70
CA LEU A 358 12.91 3.30 20.56
C LEU A 358 12.95 4.23 19.35
N GLN A 359 14.16 4.46 18.82
CA GLN A 359 14.43 5.47 17.78
C GLN A 359 13.99 4.94 16.45
N GLY A 360 13.20 5.70 15.65
CA GLY A 360 12.79 5.18 14.38
C GLY A 360 11.57 4.23 14.53
N TRP A 361 11.07 3.90 15.72
CA TRP A 361 9.88 3.05 15.72
C TRP A 361 8.62 3.88 15.68
N ASP A 362 7.74 3.63 14.67
CA ASP A 362 6.51 4.34 14.60
C ASP A 362 5.50 3.51 15.35
N HIS A 363 4.34 4.09 15.53
CA HIS A 363 3.25 3.42 16.31
C HIS A 363 2.96 1.96 15.91
N VAL A 364 3.00 1.66 14.61
CA VAL A 364 2.64 0.31 14.18
C VAL A 364 3.88 -0.55 14.06
N ASP A 365 5.09 0.01 14.07
CA ASP A 365 6.26 -0.89 14.12
C ASP A 365 6.26 -1.71 15.40
N PHE A 366 5.62 -1.21 16.48
CA PHE A 366 5.50 -2.05 17.72
C PHE A 366 4.80 -3.39 17.52
N ILE A 367 3.96 -3.53 16.48
CA ILE A 367 3.19 -4.77 16.28
C ILE A 367 3.49 -5.32 14.90
N GLY A 368 4.52 -4.76 14.21
CA GLY A 368 5.13 -5.41 13.04
C GLY A 368 4.24 -5.36 11.77
N VAL A 369 3.19 -4.53 11.74
CA VAL A 369 2.29 -4.46 10.61
C VAL A 369 2.79 -3.45 9.57
N ASP A 370 3.87 -2.74 9.86
CA ASP A 370 4.38 -1.86 8.82
C ASP A 370 5.15 -2.67 7.77
N PHE A 371 4.44 -3.28 6.82
CA PHE A 371 5.11 -4.19 5.87
C PHE A 371 5.95 -3.35 4.86
N LEU A 372 5.70 -2.03 4.83
CA LEU A 372 6.48 -1.07 3.99
C LEU A 372 7.87 -0.59 4.54
N ASP A 373 8.26 -0.99 5.73
CA ASP A 373 9.45 -0.43 6.35
C ASP A 373 10.48 -1.56 6.64
N PHE A 374 11.45 -1.70 5.75
CA PHE A 374 12.38 -2.85 5.79
C PHE A 374 13.51 -2.61 6.81
N LYS A 375 13.60 -1.40 7.41
CA LYS A 375 14.52 -1.16 8.58
C LYS A 375 14.08 -2.02 9.81
N ARG A 376 12.75 -2.20 9.96
CA ARG A 376 12.22 -2.90 11.15
C ARG A 376 12.07 -4.38 10.76
N LYS A 377 13.06 -5.17 11.16
CA LYS A 377 13.18 -6.60 10.83
C LYS A 377 12.42 -7.48 11.79
N GLY A 378 12.05 -8.67 11.32
CA GLY A 378 11.48 -9.69 12.20
C GLY A 378 12.40 -10.11 13.35
N SER A 379 13.70 -10.26 13.10
CA SER A 379 14.61 -10.68 14.17
C SER A 379 14.57 -9.65 15.26
N GLU A 380 14.48 -8.37 14.88
CA GLU A 380 14.43 -7.30 15.90
C GLU A 380 13.06 -7.40 16.68
N LEU A 381 11.95 -7.55 15.93
CA LEU A 381 10.63 -7.55 16.58
C LEU A 381 10.60 -8.77 17.55
N ALA A 382 11.15 -9.89 17.07
CA ALA A 382 11.30 -11.10 17.90
C ALA A 382 12.08 -10.80 19.21
N ASN A 383 13.25 -10.16 19.10
CA ASN A 383 14.06 -9.82 20.29
C ASN A 383 13.28 -8.93 21.21
N PHE A 384 12.55 -7.99 20.65
CA PHE A 384 11.79 -7.07 21.48
C PHE A 384 10.70 -7.80 22.31
N TYR A 385 9.98 -8.75 21.70
CA TYR A 385 8.91 -9.40 22.48
C TYR A 385 9.49 -10.40 23.51
N ILE A 386 10.59 -11.02 23.14
CA ILE A 386 11.22 -11.94 24.04
C ILE A 386 11.80 -11.19 25.21
N GLY A 387 12.33 -9.97 24.96
CA GLY A 387 12.75 -9.13 26.09
C GLY A 387 11.62 -8.78 27.08
N ILE A 388 10.38 -8.56 26.55
CA ILE A 388 9.20 -8.31 27.44
C ILE A 388 8.94 -9.56 28.30
N ILE A 389 8.89 -10.73 27.63
CA ILE A 389 8.68 -11.99 28.30
C ILE A 389 9.75 -12.22 29.41
N ASN A 390 11.04 -12.04 29.06
CA ASN A 390 12.15 -11.96 30.06
C ASN A 390 11.88 -11.11 31.30
N ASP A 391 11.44 -9.87 31.07
CA ASP A 391 10.98 -9.04 32.16
C ASP A 391 9.86 -9.65 32.95
N LEU A 392 8.89 -10.21 32.25
CA LEU A 392 7.75 -10.84 32.93
C LEU A 392 8.18 -12.07 33.76
N LEU A 393 9.08 -12.88 33.19
CA LEU A 393 9.72 -13.93 33.96
C LEU A 393 10.45 -13.33 35.21
N SER A 394 11.14 -12.20 35.07
CA SER A 394 11.75 -11.49 36.26
C SER A 394 10.75 -11.09 37.30
N VAL A 395 9.60 -10.58 36.86
CA VAL A 395 8.54 -10.27 37.74
C VAL A 395 8.14 -11.48 38.56
N GLU A 396 7.96 -12.61 37.86
CA GLU A 396 7.56 -13.85 38.50
C GLU A 396 8.64 -14.33 39.49
N ALA A 397 9.90 -14.32 39.06
CA ALA A 397 11.01 -14.79 39.88
C ALA A 397 11.16 -13.90 41.14
N THR A 398 10.73 -12.62 41.13
CA THR A 398 11.05 -11.75 42.28
C THR A 398 9.83 -11.51 43.14
N GLU A 399 8.81 -12.32 43.05
CA GLU A 399 7.66 -11.97 43.82
C GLU A 399 7.68 -12.87 45.02
N GLN B 18 0.28 27.64 -33.53
CA GLN B 18 0.85 28.23 -32.28
C GLN B 18 0.78 27.41 -30.92
N PRO B 19 0.90 26.06 -30.94
CA PRO B 19 1.59 25.55 -29.75
C PRO B 19 3.11 25.91 -29.78
N LEU B 20 3.80 25.90 -28.66
CA LEU B 20 5.27 26.19 -28.65
C LEU B 20 6.12 25.11 -29.39
N ASN B 21 5.68 23.85 -29.40
CA ASN B 21 6.35 22.79 -30.20
C ASN B 21 5.63 22.67 -31.51
N LYS B 22 6.42 22.66 -32.59
CA LYS B 22 5.93 22.47 -33.96
C LYS B 22 5.33 21.08 -34.13
N TYR B 23 6.00 20.08 -33.57
CA TYR B 23 5.60 18.71 -33.69
C TYR B 23 4.92 18.23 -32.45
N PRO B 24 3.73 17.58 -32.62
CA PRO B 24 3.01 16.98 -31.49
C PRO B 24 3.91 15.97 -30.79
N VAL B 25 3.83 15.96 -29.45
CA VAL B 25 4.51 14.99 -28.58
C VAL B 25 3.47 13.89 -28.15
N VAL B 26 3.83 12.62 -28.35
CA VAL B 26 3.01 11.50 -27.97
C VAL B 26 3.75 10.68 -26.90
N PHE B 27 3.18 10.58 -25.71
CA PHE B 27 3.77 9.81 -24.64
C PHE B 27 3.12 8.44 -24.73
N VAL B 28 3.91 7.37 -24.69
CA VAL B 28 3.46 5.98 -24.92
C VAL B 28 3.74 5.15 -23.66
N HIS B 29 2.65 4.73 -22.96
CA HIS B 29 2.84 3.98 -21.73
C HIS B 29 3.47 2.59 -21.97
N GLY B 30 3.86 1.94 -20.88
CA GLY B 30 4.47 0.61 -21.00
C GLY B 30 3.45 -0.56 -20.79
N PHE B 31 4.02 -1.65 -20.35
CA PHE B 31 3.44 -2.83 -20.00
C PHE B 31 2.45 -2.62 -18.97
N LEU B 32 2.57 -1.97 -17.89
CA LEU B 32 0.94 -2.53 -17.53
C LEU B 32 -0.20 -1.52 -17.75
N GLY B 33 0.06 -0.46 -18.49
CA GLY B 33 -0.64 0.75 -18.06
C GLY B 33 -1.88 0.96 -18.84
N LEU B 34 -2.84 1.59 -18.20
CA LEU B 34 -4.11 1.98 -18.70
C LEU B 34 -4.17 3.50 -18.51
N VAL B 35 -4.80 4.21 -19.45
CA VAL B 35 -4.85 5.65 -19.44
C VAL B 35 -6.19 6.13 -19.78
N GLY B 36 -6.45 7.38 -19.40
CA GLY B 36 -7.60 8.13 -19.80
C GLY B 36 -8.87 7.37 -19.49
N ASP B 37 -9.70 7.23 -20.51
CA ASP B 37 -11.02 6.64 -20.25
C ASP B 37 -11.03 5.15 -19.92
N ASN B 38 -9.91 4.52 -20.23
CA ASN B 38 -9.69 3.13 -20.07
C ASN B 38 -9.16 2.73 -18.65
N ALA B 39 -9.12 3.65 -17.71
CA ALA B 39 -8.53 3.21 -16.41
C ALA B 39 -9.65 2.85 -15.50
N PRO B 40 -9.48 1.92 -14.54
CA PRO B 40 -10.59 1.62 -13.63
C PRO B 40 -11.00 2.84 -12.79
N ALA B 41 -12.13 2.67 -12.09
CA ALA B 41 -12.74 3.66 -11.19
C ALA B 41 -11.69 4.47 -10.33
N LEU B 42 -10.80 3.73 -9.69
CA LEU B 42 -9.84 4.23 -8.73
C LEU B 42 -8.59 3.64 -9.22
N TYR B 43 -7.62 4.43 -9.68
CA TYR B 43 -6.44 3.82 -10.41
C TYR B 43 -5.52 4.99 -10.62
N PRO B 44 -4.21 4.80 -10.49
CA PRO B 44 -3.38 6.03 -10.54
C PRO B 44 -3.39 6.64 -11.93
N ASN B 45 -3.19 7.92 -12.03
CA ASN B 45 -2.96 8.60 -13.26
C ASN B 45 -1.55 8.27 -13.85
N TYR B 46 -1.48 7.53 -14.96
CA TYR B 46 -0.20 6.91 -15.41
C TYR B 46 0.93 7.97 -15.56
N TRP B 47 0.61 9.01 -16.31
CA TRP B 47 1.61 10.05 -16.67
C TRP B 47 1.70 11.13 -15.61
N GLY B 48 2.39 10.79 -14.50
CA GLY B 48 2.69 11.77 -13.45
C GLY B 48 2.04 11.53 -12.13
N GLY B 49 1.18 10.51 -12.03
CA GLY B 49 0.50 10.22 -10.71
C GLY B 49 -0.18 11.45 -10.21
N ASN B 50 -0.09 11.74 -8.89
CA ASN B 50 -0.52 13.02 -8.37
C ASN B 50 0.65 13.99 -8.16
N LYS B 51 1.84 13.62 -8.65
CA LYS B 51 3.07 14.44 -8.48
C LYS B 51 3.15 15.54 -9.51
N PHE B 52 2.97 15.22 -10.79
CA PHE B 52 3.02 16.26 -11.84
C PHE B 52 2.19 15.76 -13.02
N LYS B 53 1.02 16.37 -13.24
CA LYS B 53 0.04 15.92 -14.24
C LYS B 53 0.55 16.18 -15.64
N VAL B 54 1.34 15.25 -16.14
CA VAL B 54 2.13 15.54 -17.35
C VAL B 54 1.35 16.23 -18.46
N ILE B 55 0.19 15.66 -18.83
CA ILE B 55 -0.51 16.10 -20.01
C ILE B 55 -1.15 17.46 -19.74
N GLU B 56 -1.82 17.54 -18.63
CA GLU B 56 -2.58 18.70 -18.27
C GLU B 56 -1.58 19.90 -18.06
N GLU B 57 -0.45 19.65 -17.41
CA GLU B 57 0.47 20.79 -17.02
C GLU B 57 1.29 21.22 -18.24
N LEU B 58 1.75 20.29 -19.09
CA LEU B 58 2.44 20.71 -20.28
C LEU B 58 1.48 21.47 -21.20
N ARG B 59 0.20 21.07 -21.23
CA ARG B 59 -0.76 21.76 -22.06
C ARG B 59 -0.97 23.15 -21.51
N LYS B 60 -1.24 23.30 -20.21
CA LYS B 60 -1.35 24.64 -19.57
C LYS B 60 -0.12 25.45 -19.95
N GLN B 61 1.04 24.85 -20.13
CA GLN B 61 2.17 25.66 -20.60
C GLN B 61 2.26 26.01 -22.08
N GLY B 62 1.28 25.64 -22.90
CA GLY B 62 1.39 25.92 -24.36
C GLY B 62 2.05 24.84 -25.21
N TYR B 63 2.23 23.64 -24.65
CA TYR B 63 2.72 22.52 -25.45
C TYR B 63 1.60 21.64 -25.97
N ASN B 64 1.79 21.07 -27.18
CA ASN B 64 0.79 20.17 -27.78
C ASN B 64 1.25 18.73 -27.51
N VAL B 65 0.62 18.09 -26.53
CA VAL B 65 1.05 16.75 -26.10
C VAL B 65 -0.14 15.83 -25.98
N HIS B 66 0.13 14.51 -26.04
CA HIS B 66 -0.95 13.48 -26.07
C HIS B 66 -0.44 12.28 -25.33
N GLN B 67 -1.35 11.50 -24.69
CA GLN B 67 -0.94 10.15 -24.20
C GLN B 67 -1.56 9.02 -25.06
N ALA B 68 -0.74 8.19 -25.69
CA ALA B 68 -1.35 7.13 -26.48
C ALA B 68 -2.06 6.15 -25.60
N SER B 69 -3.00 5.37 -26.16
CA SER B 69 -3.61 4.27 -25.36
C SER B 69 -3.47 3.01 -26.21
N VAL B 70 -2.66 2.07 -25.78
CA VAL B 70 -2.46 0.88 -26.59
C VAL B 70 -2.49 -0.30 -25.62
N SER B 71 -2.36 -1.50 -26.17
CA SER B 71 -2.71 -2.70 -25.45
C SER B 71 -1.76 -2.80 -24.24
N ALA B 72 -2.32 -3.10 -23.07
CA ALA B 72 -1.52 -3.23 -21.89
C ALA B 72 -0.79 -4.53 -21.76
N PHE B 73 -1.28 -5.61 -22.39
CA PHE B 73 -0.68 -6.95 -22.13
C PHE B 73 -0.17 -7.56 -23.42
N GLY B 74 -0.46 -6.87 -24.54
CA GLY B 74 -0.10 -7.41 -25.91
C GLY B 74 1.38 -7.31 -26.31
N SER B 75 1.78 -7.98 -27.41
CA SER B 75 3.18 -7.91 -27.88
C SER B 75 3.52 -6.47 -28.29
N ASN B 76 4.82 -6.20 -28.37
CA ASN B 76 5.26 -4.96 -29.05
C ASN B 76 4.64 -4.81 -30.46
N TYR B 77 4.62 -5.94 -31.19
CA TYR B 77 4.02 -5.91 -32.50
C TYR B 77 2.61 -5.29 -32.39
N ASP B 78 1.79 -5.84 -31.50
CA ASP B 78 0.40 -5.48 -31.53
C ASP B 78 0.27 -4.08 -31.14
N ARG B 79 1.03 -3.73 -30.08
CA ARG B 79 1.14 -2.33 -29.61
C ARG B 79 1.64 -1.37 -30.67
N ALA B 80 2.64 -1.78 -31.48
CA ALA B 80 3.17 -0.81 -32.47
C ALA B 80 2.07 -0.52 -33.53
N VAL B 81 1.29 -1.56 -33.87
CA VAL B 81 0.26 -1.32 -34.86
C VAL B 81 -0.77 -0.40 -34.25
N GLN B 82 -1.15 -0.71 -33.00
CA GLN B 82 -2.18 0.11 -32.37
C GLN B 82 -1.72 1.60 -32.22
N LEU B 83 -0.40 1.79 -32.02
CA LEU B 83 0.14 3.15 -31.77
C LEU B 83 -0.03 3.88 -33.10
N TYR B 84 0.31 3.17 -34.19
CA TYR B 84 0.14 3.75 -35.50
C TYR B 84 -1.29 4.27 -35.67
N TYR B 85 -2.28 3.41 -35.39
CA TYR B 85 -3.66 3.81 -35.62
C TYR B 85 -4.14 4.90 -34.66
N TYR B 86 -3.63 4.87 -33.42
CA TYR B 86 -3.93 5.94 -32.46
C TYR B 86 -3.52 7.31 -33.02
N ILE B 87 -2.38 7.38 -33.71
CA ILE B 87 -1.86 8.69 -34.21
C ILE B 87 -2.63 9.03 -35.53
N LYS B 88 -2.67 8.07 -36.47
CA LYS B 88 -3.21 8.31 -37.81
C LYS B 88 -4.74 8.32 -37.82
N GLY B 89 -5.38 7.49 -36.99
CA GLY B 89 -6.82 7.26 -37.01
C GLY B 89 -7.07 6.04 -37.92
N GLY B 90 -8.21 5.37 -37.70
CA GLY B 90 -8.59 4.19 -38.51
C GLY B 90 -8.72 2.91 -37.66
N ARG B 91 -9.01 1.84 -38.36
CA ARG B 91 -9.27 0.53 -37.78
C ARG B 91 -7.98 -0.25 -37.70
N VAL B 92 -7.64 -0.66 -36.49
CA VAL B 92 -6.40 -1.45 -36.31
C VAL B 92 -6.34 -2.64 -37.32
N ASP B 93 -5.24 -2.73 -38.08
CA ASP B 93 -5.02 -3.86 -38.94
C ASP B 93 -3.65 -4.38 -38.55
N TYR B 94 -3.62 -5.54 -37.88
CA TYR B 94 -2.41 -6.26 -37.52
C TYR B 94 -1.70 -6.95 -38.65
N GLY B 95 -2.30 -6.97 -39.84
CA GLY B 95 -1.73 -7.70 -40.94
C GLY B 95 -2.29 -9.13 -40.97
N ALA B 96 -2.62 -9.57 -42.21
CA ALA B 96 -3.22 -10.88 -42.42
C ALA B 96 -2.18 -11.94 -41.94
N ALA B 97 -0.95 -11.72 -42.37
CA ALA B 97 0.09 -12.81 -42.34
C ALA B 97 0.33 -13.02 -40.84
N HIS B 98 0.41 -11.88 -40.12
CA HIS B 98 0.62 -11.93 -38.66
C HIS B 98 -0.60 -12.66 -38.02
N ALA B 99 -1.80 -12.15 -38.32
CA ALA B 99 -3.04 -12.77 -37.69
C ALA B 99 -3.10 -14.30 -37.87
N ALA B 100 -2.80 -14.76 -39.09
CA ALA B 100 -2.88 -16.21 -39.41
C ALA B 100 -1.74 -16.97 -38.70
N LYS B 101 -0.53 -16.38 -38.67
CA LYS B 101 0.57 -17.08 -38.04
C LYS B 101 0.37 -17.23 -36.52
N TYR B 102 -0.11 -16.18 -35.84
CA TYR B 102 -0.28 -16.26 -34.38
C TYR B 102 -1.66 -16.73 -33.87
N GLY B 103 -2.70 -16.69 -34.73
CA GLY B 103 -4.04 -17.18 -34.39
C GLY B 103 -4.83 -16.12 -33.62
N HIS B 104 -4.90 -14.88 -34.10
CA HIS B 104 -5.77 -13.92 -33.47
C HIS B 104 -6.44 -13.07 -34.50
N GLU B 105 -7.38 -12.24 -34.13
CA GLU B 105 -8.07 -11.45 -35.17
C GLU B 105 -7.07 -10.56 -35.89
N ARG B 106 -7.33 -10.37 -37.19
CA ARG B 106 -6.68 -9.41 -37.97
C ARG B 106 -7.01 -7.98 -37.59
N TYR B 107 -8.28 -7.70 -37.32
CA TYR B 107 -8.72 -6.32 -37.18
C TYR B 107 -9.09 -6.09 -35.75
N GLY B 108 -8.95 -4.87 -35.26
CA GLY B 108 -9.05 -4.60 -33.83
C GLY B 108 -9.91 -3.37 -33.72
N LYS B 109 -9.65 -2.58 -32.68
CA LYS B 109 -10.38 -1.34 -32.32
C LYS B 109 -10.32 -0.36 -33.48
N THR B 110 -11.20 0.60 -33.45
CA THR B 110 -10.96 1.61 -34.42
C THR B 110 -10.67 2.98 -33.71
N TYR B 111 -9.65 3.71 -34.12
CA TYR B 111 -9.28 4.92 -33.34
C TYR B 111 -9.72 6.19 -34.05
N LYS B 112 -10.18 7.18 -33.28
CA LYS B 112 -10.44 8.50 -33.86
C LYS B 112 -9.21 9.08 -34.61
N GLY B 113 -8.00 9.06 -34.05
CA GLY B 113 -6.81 9.62 -34.74
C GLY B 113 -6.49 10.99 -34.19
N ILE B 114 -5.24 11.21 -33.83
CA ILE B 114 -4.78 12.44 -33.16
C ILE B 114 -4.31 13.44 -34.20
N MET B 115 -3.69 12.92 -35.25
CA MET B 115 -3.21 13.71 -36.37
C MET B 115 -3.68 12.99 -37.67
N PRO B 116 -4.95 13.16 -38.09
CA PRO B 116 -5.41 12.40 -39.29
C PRO B 116 -4.51 12.65 -40.51
N ASN B 117 -3.80 13.80 -40.51
CA ASN B 117 -2.96 14.19 -41.62
C ASN B 117 -1.52 13.82 -41.52
N TRP B 118 -1.25 12.82 -40.70
CA TRP B 118 0.13 12.37 -40.46
C TRP B 118 0.63 11.72 -41.73
N GLU B 119 1.83 12.09 -42.18
CA GLU B 119 2.42 11.64 -43.46
C GLU B 119 3.88 12.15 -43.53
N PRO B 120 4.70 11.66 -44.50
CA PRO B 120 6.07 12.23 -44.62
C PRO B 120 6.09 13.77 -44.56
N GLY B 121 7.00 14.36 -43.80
CA GLY B 121 6.92 15.80 -43.68
C GLY B 121 6.16 16.31 -42.47
N LYS B 122 5.02 15.73 -42.08
CA LYS B 122 4.36 16.21 -40.83
C LYS B 122 4.80 15.34 -39.62
N LYS B 123 5.72 15.81 -38.78
CA LYS B 123 6.34 14.87 -37.83
C LYS B 123 5.73 14.82 -36.43
N VAL B 124 6.13 13.82 -35.67
CA VAL B 124 5.71 13.66 -34.29
C VAL B 124 6.96 13.34 -33.42
N HIS B 125 7.04 13.82 -32.17
CA HIS B 125 8.03 13.33 -31.19
C HIS B 125 7.42 12.17 -30.38
N LEU B 126 8.21 11.14 -30.08
CA LEU B 126 7.69 9.97 -29.37
C LEU B 126 8.48 9.72 -28.09
N VAL B 127 7.78 9.71 -26.95
CA VAL B 127 8.39 9.36 -25.69
C VAL B 127 7.73 8.16 -25.04
N GLY B 128 8.56 7.19 -24.67
CA GLY B 128 7.97 5.95 -24.23
C GLY B 128 8.53 5.64 -22.86
N HIS B 129 7.64 5.31 -21.91
CA HIS B 129 8.07 4.79 -20.61
C HIS B 129 8.19 3.33 -20.71
N SER B 130 9.35 2.79 -20.33
CA SER B 130 9.52 1.35 -20.22
C SER B 130 9.21 0.64 -21.59
N MET B 131 8.26 -0.30 -21.58
CA MET B 131 7.87 -1.04 -22.84
C MET B 131 7.42 -0.06 -23.96
N GLY B 132 6.84 1.09 -23.57
CA GLY B 132 6.48 2.15 -24.57
C GLY B 132 7.68 2.45 -25.49
N GLY B 133 8.91 2.35 -24.94
CA GLY B 133 10.04 2.72 -25.77
C GLY B 133 10.33 1.67 -26.78
N GLN B 134 10.08 0.39 -26.44
CA GLN B 134 10.24 -0.68 -27.47
C GLN B 134 9.17 -0.57 -28.57
N THR B 135 7.97 -0.24 -28.11
CA THR B 135 6.82 -0.08 -29.02
C THR B 135 7.09 0.97 -30.10
N ILE B 136 7.66 2.06 -29.64
CA ILE B 136 7.94 3.17 -30.53
C ILE B 136 9.00 2.77 -31.55
N ARG B 137 10.03 2.04 -31.10
CA ARG B 137 11.07 1.73 -32.03
C ARG B 137 10.46 0.80 -33.11
N LEU B 138 9.54 -0.11 -32.70
CA LEU B 138 8.99 -1.10 -33.71
C LEU B 138 8.12 -0.37 -34.70
N MET B 139 7.20 0.46 -34.22
CA MET B 139 6.37 1.25 -35.11
C MET B 139 7.17 2.02 -36.18
N GLU B 140 8.26 2.67 -35.75
CA GLU B 140 9.10 3.41 -36.66
C GLU B 140 9.82 2.47 -37.61
N GLU B 141 10.33 1.30 -37.14
CA GLU B 141 10.89 0.34 -38.07
C GLU B 141 9.85 0.02 -39.18
N PHE B 142 8.57 -0.23 -38.82
CA PHE B 142 7.58 -0.57 -39.88
C PHE B 142 7.35 0.61 -40.83
N LEU B 143 7.30 1.85 -40.29
CA LEU B 143 7.07 3.00 -41.18
C LEU B 143 8.19 3.11 -42.21
N ARG B 144 9.45 3.01 -41.76
CA ARG B 144 10.62 3.11 -42.67
C ARG B 144 10.83 1.86 -43.54
N ASN B 145 10.95 0.68 -42.96
CA ASN B 145 11.29 -0.50 -43.70
C ASN B 145 10.11 -1.41 -44.11
N GLY B 146 8.91 -1.19 -43.55
CA GLY B 146 7.77 -2.02 -43.85
C GLY B 146 7.92 -3.33 -43.09
N ASN B 147 7.08 -4.31 -43.40
CA ASN B 147 7.08 -5.60 -42.73
C ASN B 147 7.09 -6.61 -43.90
N LYS B 148 8.17 -7.39 -44.01
CA LYS B 148 8.44 -8.22 -45.22
C LYS B 148 7.34 -9.29 -45.40
N GLU B 149 6.84 -9.87 -44.29
CA GLU B 149 5.84 -10.94 -44.29
C GLU B 149 4.52 -10.47 -44.82
N GLU B 150 4.18 -9.24 -44.50
CA GLU B 150 2.95 -8.66 -45.02
C GLU B 150 3.05 -8.26 -46.45
N ILE B 151 4.21 -7.79 -46.93
CA ILE B 151 4.29 -7.28 -48.32
C ILE B 151 4.20 -8.52 -49.21
N ALA B 152 4.94 -9.57 -48.79
CA ALA B 152 4.98 -10.91 -49.47
C ALA B 152 3.60 -11.52 -49.56
N TYR B 153 2.86 -11.51 -48.44
CA TYR B 153 1.53 -12.16 -48.38
C TYR B 153 0.55 -11.44 -49.26
N HIS B 154 0.47 -10.11 -49.16
CA HIS B 154 -0.48 -9.34 -49.98
C HIS B 154 -0.15 -9.48 -51.48
N GLN B 155 1.14 -9.69 -51.77
CA GLN B 155 1.55 -10.03 -53.10
C GLN B 155 1.16 -11.42 -53.50
N ALA B 156 1.27 -12.36 -52.55
CA ALA B 156 0.84 -13.74 -52.78
C ALA B 156 -0.71 -13.83 -52.78
N HIS B 157 -1.40 -13.09 -51.90
CA HIS B 157 -2.85 -13.20 -51.70
C HIS B 157 -3.70 -11.94 -52.02
N GLY B 158 -3.06 -10.89 -52.54
CA GLY B 158 -3.83 -9.64 -52.94
C GLY B 158 -4.62 -9.02 -51.74
N GLY B 159 -5.68 -8.24 -52.02
CA GLY B 159 -6.59 -7.71 -50.98
C GLY B 159 -5.92 -6.46 -50.45
N GLU B 160 -6.00 -6.20 -49.15
CA GLU B 160 -5.28 -5.02 -48.62
C GLU B 160 -4.09 -5.23 -47.75
N ILE B 161 -3.23 -4.20 -47.81
CA ILE B 161 -2.07 -4.08 -46.90
C ILE B 161 -2.14 -2.70 -46.28
N SER B 162 -2.02 -2.64 -44.96
CA SER B 162 -1.97 -1.38 -44.25
C SER B 162 -0.74 -0.55 -44.70
N PRO B 163 -0.88 0.80 -44.88
CA PRO B 163 0.32 1.66 -45.13
C PRO B 163 1.43 1.57 -44.00
N LEU B 164 1.07 1.11 -42.79
CA LEU B 164 2.05 0.79 -41.76
C LEU B 164 3.05 -0.26 -42.25
N PHE B 165 2.61 -1.19 -43.12
CA PHE B 165 3.53 -2.30 -43.55
C PHE B 165 4.26 -2.16 -44.89
N THR B 166 3.94 -1.07 -45.63
CA THR B 166 4.43 -0.75 -46.98
C THR B 166 5.98 -0.53 -47.06
N GLY B 167 6.53 0.26 -46.14
CA GLY B 167 7.93 0.68 -46.20
C GLY B 167 7.99 2.04 -46.91
N GLY B 168 9.19 2.63 -47.01
CA GLY B 168 9.35 3.94 -47.61
C GLY B 168 8.75 5.18 -46.90
N HIS B 169 8.19 5.06 -45.68
CA HIS B 169 7.62 6.23 -44.96
C HIS B 169 8.77 6.79 -44.12
N ASN B 170 9.17 8.03 -44.38
CA ASN B 170 10.31 8.66 -43.74
C ASN B 170 9.86 10.02 -43.31
N ASN B 171 10.70 10.68 -42.49
CA ASN B 171 10.37 12.01 -42.00
C ASN B 171 9.03 12.07 -41.32
N MET B 172 8.72 11.05 -40.52
CA MET B 172 7.42 11.07 -39.86
C MET B 172 7.58 11.18 -38.33
N VAL B 173 8.73 10.69 -37.86
CA VAL B 173 9.09 10.80 -36.46
C VAL B 173 10.39 11.61 -36.31
N ALA B 174 10.29 12.72 -35.55
CA ALA B 174 11.43 13.60 -35.23
C ALA B 174 12.35 12.96 -34.18
N SER B 175 11.74 12.31 -33.17
CA SER B 175 12.54 11.86 -32.03
C SER B 175 11.98 10.65 -31.35
N ILE B 176 12.85 9.89 -30.69
CA ILE B 176 12.41 8.72 -29.95
C ILE B 176 13.17 8.88 -28.64
N THR B 177 12.44 9.12 -27.55
CA THR B 177 13.07 9.13 -26.27
C THR B 177 12.38 8.14 -25.32
N THR B 178 13.21 7.34 -24.64
CA THR B 178 12.81 6.22 -23.85
C THR B 178 13.18 6.46 -22.37
N LEU B 179 12.23 6.19 -21.46
CA LEU B 179 12.47 6.29 -20.03
C LEU B 179 12.40 4.95 -19.39
N ALA B 180 13.53 4.45 -18.83
CA ALA B 180 13.58 3.14 -18.13
C ALA B 180 13.06 1.99 -19.06
N THR B 181 13.43 2.05 -20.34
CA THR B 181 13.03 1.08 -21.32
C THR B 181 13.89 -0.14 -21.28
N PRO B 182 13.29 -1.35 -21.20
CA PRO B 182 14.13 -2.57 -21.16
C PRO B 182 14.66 -2.95 -22.54
N HIS B 183 15.58 -2.17 -23.09
CA HIS B 183 15.96 -2.39 -24.45
C HIS B 183 16.59 -3.80 -24.63
N ASN B 184 17.21 -4.37 -23.57
CA ASN B 184 17.82 -5.72 -23.65
C ASN B 184 17.09 -6.68 -22.74
N GLY B 185 15.86 -6.30 -22.36
CA GLY B 185 14.90 -7.14 -21.62
C GLY B 185 15.17 -7.13 -20.16
N SER B 186 14.50 -7.98 -19.43
CA SER B 186 14.63 -7.96 -17.99
C SER B 186 14.47 -9.37 -17.47
N GLN B 187 15.34 -9.72 -16.53
CA GLN B 187 15.24 -11.01 -15.82
C GLN B 187 13.90 -11.10 -15.05
N ALA B 188 13.29 -9.96 -14.75
CA ALA B 188 12.02 -9.99 -14.02
C ALA B 188 10.94 -10.62 -14.95
N ALA B 189 11.14 -10.48 -16.27
CA ALA B 189 10.29 -11.23 -17.26
C ALA B 189 10.71 -12.69 -17.37
N ASP B 190 12.00 -12.92 -17.63
CA ASP B 190 12.46 -14.29 -17.80
C ASP B 190 12.12 -15.10 -16.58
N LYS B 191 12.30 -14.63 -15.35
CA LYS B 191 12.21 -15.54 -14.20
C LYS B 191 10.92 -15.41 -13.44
N PHE B 192 10.06 -14.52 -13.90
CA PHE B 192 8.85 -14.31 -13.26
C PHE B 192 7.74 -13.90 -14.27
N GLY B 193 6.74 -14.63 -14.44
CA GLY B 193 6.04 -13.50 -15.29
C GLY B 193 5.98 -13.65 -16.80
N ASN B 194 7.09 -14.01 -17.42
CA ASN B 194 6.93 -14.86 -18.55
C ASN B 194 6.79 -16.31 -18.11
N THR B 195 6.77 -16.65 -16.85
CA THR B 195 6.72 -18.05 -16.57
C THR B 195 5.24 -18.43 -16.81
N GLU B 196 5.05 -19.71 -17.06
CA GLU B 196 3.71 -20.25 -17.34
C GLU B 196 2.66 -19.94 -16.27
N ALA B 197 2.97 -20.18 -15.00
CA ALA B 197 2.00 -19.86 -13.95
C ALA B 197 1.62 -18.37 -13.98
N VAL B 198 2.55 -17.47 -14.27
CA VAL B 198 2.10 -16.07 -14.20
C VAL B 198 1.41 -15.55 -15.43
N ARG B 199 1.84 -16.03 -16.60
CA ARG B 199 1.07 -15.81 -17.78
C ARG B 199 -0.39 -16.27 -17.61
N LYS B 200 -0.62 -17.44 -17.00
CA LYS B 200 -2.03 -17.81 -16.72
C LYS B 200 -2.71 -16.80 -15.86
N ILE B 201 -2.03 -16.32 -14.82
CA ILE B 201 -2.73 -15.30 -13.99
C ILE B 201 -3.13 -14.06 -14.85
N MET B 202 -2.20 -13.57 -15.70
CA MET B 202 -2.44 -12.39 -16.45
C MET B 202 -3.63 -12.56 -17.50
N PHE B 203 -3.61 -13.72 -18.14
CA PHE B 203 -4.59 -14.09 -19.15
C PHE B 203 -5.92 -14.33 -18.44
N ALA B 204 -5.90 -14.90 -17.23
CA ALA B 204 -7.21 -15.01 -16.51
C ALA B 204 -7.84 -13.62 -16.17
N LEU B 205 -6.99 -12.70 -15.76
CA LEU B 205 -7.41 -11.32 -15.54
C LEU B 205 -8.02 -10.70 -16.82
N ASN B 206 -7.28 -10.86 -17.90
CA ASN B 206 -7.77 -10.39 -19.17
C ASN B 206 -9.12 -11.06 -19.54
N ARG B 207 -9.23 -12.36 -19.27
CA ARG B 207 -10.54 -13.02 -19.58
C ARG B 207 -11.66 -12.31 -18.76
N PHE B 208 -11.41 -12.20 -17.44
CA PHE B 208 -12.40 -11.59 -16.54
C PHE B 208 -12.75 -10.14 -16.97
N MET B 209 -11.75 -9.36 -17.39
CA MET B 209 -12.01 -7.95 -17.74
C MET B 209 -12.66 -7.82 -19.13
N GLY B 210 -12.83 -8.96 -19.83
CA GLY B 210 -13.58 -9.10 -21.12
C GLY B 210 -15.06 -9.33 -20.79
N ASN B 211 -15.43 -9.39 -19.49
CA ASN B 211 -16.81 -9.88 -19.20
C ASN B 211 -17.79 -8.80 -19.70
N LYS B 212 -19.07 -9.12 -19.79
CA LYS B 212 -20.04 -8.24 -20.45
C LYS B 212 -20.42 -7.03 -19.61
N TYR B 213 -19.96 -6.95 -18.36
CA TYR B 213 -20.11 -5.73 -17.55
C TYR B 213 -18.88 -4.85 -17.48
N SER B 214 -17.86 -5.21 -18.22
CA SER B 214 -16.67 -4.49 -18.09
C SER B 214 -16.55 -3.39 -19.09
N ASN B 215 -16.11 -2.24 -18.62
CA ASN B 215 -16.01 -1.03 -19.48
C ASN B 215 -14.52 -0.88 -19.82
N ILE B 216 -13.61 -1.69 -19.28
CA ILE B 216 -12.22 -1.48 -19.61
C ILE B 216 -11.51 -2.58 -20.46
N ASP B 217 -10.67 -2.09 -21.35
CA ASP B 217 -9.96 -2.94 -22.29
C ASP B 217 -8.43 -3.18 -21.95
N LEU B 218 -8.04 -4.37 -21.48
CA LEU B 218 -6.68 -4.67 -21.08
C LEU B 218 -5.82 -5.02 -22.26
N GLY B 219 -6.41 -4.93 -23.49
CA GLY B 219 -5.61 -5.09 -24.71
C GLY B 219 -5.44 -6.49 -25.34
N LEU B 220 -6.23 -7.47 -24.94
CA LEU B 220 -6.09 -8.80 -25.55
C LEU B 220 -7.41 -9.30 -26.18
N THR B 221 -8.33 -8.38 -26.56
CA THR B 221 -9.64 -8.73 -27.00
C THR B 221 -9.43 -9.40 -28.37
N GLN B 222 -8.36 -9.07 -29.10
CA GLN B 222 -8.06 -9.76 -30.35
C GLN B 222 -7.83 -11.27 -30.27
N TRP B 223 -7.60 -11.78 -29.08
CA TRP B 223 -7.44 -13.21 -28.89
C TRP B 223 -8.75 -13.89 -28.46
N GLY B 224 -9.87 -13.16 -28.42
CA GLY B 224 -11.19 -13.76 -28.06
C GLY B 224 -11.76 -13.25 -26.72
N PHE B 225 -10.96 -12.48 -25.92
CA PHE B 225 -11.39 -12.13 -24.52
C PHE B 225 -12.42 -10.95 -24.48
N LYS B 226 -13.59 -11.11 -25.13
CA LYS B 226 -14.64 -10.15 -24.93
C LYS B 226 -15.83 -11.13 -24.87
N GLN B 227 -16.56 -11.18 -23.76
CA GLN B 227 -17.75 -11.97 -23.63
C GLN B 227 -18.89 -11.29 -24.46
N LEU B 228 -19.60 -12.04 -25.30
CA LEU B 228 -20.77 -11.49 -26.07
C LEU B 228 -21.96 -11.18 -25.15
N PRO B 229 -22.77 -10.14 -25.47
CA PRO B 229 -23.96 -9.83 -24.56
C PRO B 229 -24.88 -11.05 -24.16
N ASN B 230 -25.05 -12.06 -25.04
CA ASN B 230 -25.85 -13.23 -24.61
C ASN B 230 -25.10 -14.52 -24.40
N GLU B 231 -23.77 -14.45 -24.15
CA GLU B 231 -22.96 -15.66 -23.97
C GLU B 231 -22.89 -15.90 -22.47
N SER B 232 -23.13 -17.12 -22.00
CA SER B 232 -22.98 -17.35 -20.58
C SER B 232 -21.46 -17.29 -20.24
N TYR B 233 -21.12 -16.95 -19.00
CA TYR B 233 -19.69 -16.92 -18.58
C TYR B 233 -19.06 -18.32 -18.72
N ILE B 234 -19.86 -19.39 -18.52
CA ILE B 234 -19.44 -20.76 -18.75
C ILE B 234 -19.04 -20.99 -20.24
N ASP B 235 -19.85 -20.50 -21.17
CA ASP B 235 -19.55 -20.75 -22.60
C ASP B 235 -18.39 -19.87 -22.97
N TYR B 236 -18.38 -18.68 -22.39
CA TYR B 236 -17.22 -17.78 -22.52
C TYR B 236 -15.92 -18.47 -22.08
N ILE B 237 -15.87 -19.00 -20.84
CA ILE B 237 -14.67 -19.72 -20.42
C ILE B 237 -14.30 -20.77 -21.46
N LYS B 238 -15.30 -21.60 -21.83
CA LYS B 238 -15.04 -22.76 -22.71
C LYS B 238 -14.44 -22.25 -24.07
N ARG B 239 -15.01 -21.22 -24.67
CA ARG B 239 -14.59 -20.72 -25.99
C ARG B 239 -13.15 -20.16 -25.93
N VAL B 240 -12.88 -19.45 -24.87
CA VAL B 240 -11.63 -18.68 -24.91
C VAL B 240 -10.51 -19.63 -24.44
N SER B 241 -10.86 -20.74 -23.76
CA SER B 241 -9.77 -21.70 -23.41
C SER B 241 -9.14 -22.34 -24.67
N LYS B 242 -9.71 -22.11 -25.85
CA LYS B 242 -9.14 -22.62 -27.07
C LYS B 242 -8.26 -21.63 -27.80
N SER B 243 -8.28 -20.37 -27.40
CA SER B 243 -7.44 -19.35 -28.04
C SER B 243 -5.97 -19.76 -27.97
N LYS B 244 -5.20 -19.39 -28.99
CA LYS B 244 -3.75 -19.58 -28.97
C LYS B 244 -2.96 -18.67 -27.99
N ILE B 245 -3.61 -17.68 -27.37
CA ILE B 245 -2.94 -16.76 -26.42
C ILE B 245 -2.25 -17.58 -25.36
N TRP B 246 -2.86 -18.66 -24.88
CA TRP B 246 -2.32 -19.36 -23.71
C TRP B 246 -0.95 -19.93 -23.97
N THR B 247 -0.63 -20.24 -25.23
CA THR B 247 0.69 -20.77 -25.56
C THR B 247 1.49 -19.86 -26.49
N SER B 248 1.00 -18.67 -26.91
CA SER B 248 1.71 -17.90 -27.93
C SER B 248 2.90 -17.07 -27.30
N ASP B 249 3.89 -16.69 -28.11
CA ASP B 249 4.85 -15.69 -27.79
C ASP B 249 4.41 -14.29 -28.21
N ASP B 250 3.31 -14.12 -28.98
CA ASP B 250 2.77 -12.79 -29.40
C ASP B 250 2.13 -12.15 -28.11
N ASN B 251 2.93 -11.94 -27.06
CA ASN B 251 2.42 -11.18 -25.88
C ASN B 251 3.58 -10.37 -25.17
N ALA B 252 3.22 -9.51 -24.22
CA ALA B 252 4.20 -8.57 -23.60
C ALA B 252 5.22 -9.37 -22.80
N ALA B 253 4.74 -10.30 -21.97
CA ALA B 253 5.65 -11.00 -21.09
C ALA B 253 6.82 -11.65 -21.86
N TYR B 254 6.52 -12.23 -23.04
CA TYR B 254 7.60 -12.76 -23.86
C TYR B 254 8.58 -11.69 -24.34
N ASP B 255 8.02 -10.64 -24.93
CA ASP B 255 8.80 -9.59 -25.49
C ASP B 255 9.66 -8.91 -24.43
N LEU B 256 9.30 -8.93 -23.14
CA LEU B 256 10.08 -8.20 -22.13
C LEU B 256 11.22 -9.10 -21.67
N THR B 257 11.23 -10.38 -22.06
CA THR B 257 12.37 -11.25 -21.71
C THR B 257 13.65 -10.84 -22.50
N LEU B 258 14.84 -11.30 -22.05
CA LEU B 258 16.13 -11.05 -22.77
C LEU B 258 16.03 -11.54 -24.19
N ASP B 259 15.53 -12.79 -24.41
CA ASP B 259 15.37 -13.26 -25.78
C ASP B 259 14.38 -12.38 -26.54
N GLY B 260 13.23 -12.09 -25.93
CA GLY B 260 12.21 -11.38 -26.67
C GLY B 260 12.75 -9.99 -27.03
N SER B 261 13.49 -9.32 -26.14
CA SER B 261 14.00 -8.02 -26.48
C SER B 261 15.17 -8.08 -27.44
N ALA B 262 15.99 -9.11 -27.30
CA ALA B 262 17.10 -9.19 -28.26
C ALA B 262 16.50 -9.40 -29.71
N LYS B 263 15.36 -10.12 -29.80
CA LYS B 263 14.77 -10.34 -31.16
C LYS B 263 14.43 -8.98 -31.72
N LEU B 264 13.86 -8.08 -30.91
CA LEU B 264 13.50 -6.77 -31.44
C LEU B 264 14.76 -5.94 -31.89
N ASN B 265 15.84 -6.10 -31.13
CA ASN B 265 17.07 -5.38 -31.44
C ASN B 265 17.63 -5.87 -32.73
N ASN B 266 17.59 -7.18 -32.92
CA ASN B 266 18.08 -7.82 -34.13
C ASN B 266 17.28 -7.44 -35.35
N MET B 267 16.10 -6.86 -35.22
CA MET B 267 15.49 -6.45 -36.49
C MET B 267 15.15 -4.96 -36.56
N THR B 268 15.83 -4.14 -35.75
CA THR B 268 15.60 -2.70 -35.81
C THR B 268 16.93 -2.14 -36.21
N SER B 269 16.90 -0.88 -36.65
CA SER B 269 18.16 -0.20 -36.96
C SER B 269 17.93 1.31 -36.76
N MET B 270 19.02 2.06 -36.78
CA MET B 270 18.97 3.47 -36.58
C MET B 270 18.48 4.23 -37.79
N ASN B 271 17.52 5.09 -37.63
CA ASN B 271 17.22 6.03 -38.70
C ASN B 271 18.19 7.22 -38.46
N PRO B 272 19.10 7.50 -39.45
CA PRO B 272 20.08 8.63 -39.29
C PRO B 272 19.39 10.04 -39.17
N ASN B 273 18.10 10.15 -39.42
CA ASN B 273 17.37 11.40 -39.43
C ASN B 273 16.66 11.56 -38.08
N ILE B 274 16.73 10.55 -37.20
CA ILE B 274 15.92 10.64 -35.93
C ILE B 274 16.82 11.01 -34.72
N THR B 275 16.29 11.79 -33.80
CA THR B 275 17.04 12.08 -32.53
C THR B 275 16.64 11.06 -31.49
N TYR B 276 17.65 10.29 -31.05
CA TYR B 276 17.50 9.21 -30.06
C TYR B 276 18.03 9.59 -28.69
N THR B 277 17.24 9.35 -27.64
CA THR B 277 17.69 9.61 -26.30
C THR B 277 17.11 8.69 -25.21
N THR B 278 17.93 8.21 -24.27
CA THR B 278 17.51 7.30 -23.13
C THR B 278 17.78 7.90 -21.74
N TYR B 279 16.90 7.51 -20.81
CA TYR B 279 17.02 7.83 -19.40
C TYR B 279 16.93 6.52 -18.64
N THR B 280 17.59 6.44 -17.50
CA THR B 280 17.74 5.16 -16.78
C THR B 280 17.73 5.56 -15.36
N GLY B 281 17.10 4.73 -14.52
CA GLY B 281 17.10 4.99 -13.05
C GLY B 281 17.86 3.93 -12.31
N VAL B 282 18.47 4.24 -11.14
CA VAL B 282 19.02 3.17 -10.26
C VAL B 282 18.28 3.29 -8.93
N SER B 283 17.91 2.18 -8.31
CA SER B 283 17.20 2.19 -7.04
C SER B 283 17.59 1.00 -6.24
N SER B 284 18.76 0.49 -6.56
CA SER B 284 19.37 -0.64 -5.84
C SER B 284 20.78 -0.22 -5.30
N HIS B 285 21.36 -1.03 -4.40
CA HIS B 285 22.67 -0.72 -3.80
C HIS B 285 23.35 -2.04 -3.58
N THR B 286 24.67 -2.00 -3.60
CA THR B 286 25.54 -3.19 -3.48
C THR B 286 25.63 -3.62 -2.06
N GLY B 287 25.52 -4.92 -1.86
CA GLY B 287 25.42 -5.53 -0.55
C GLY B 287 26.79 -6.10 -0.33
N PRO B 288 27.00 -6.75 0.84
CA PRO B 288 28.43 -7.03 1.20
C PRO B 288 29.09 -8.06 0.22
N LEU B 289 28.27 -8.82 -0.55
CA LEU B 289 28.72 -9.88 -1.46
C LEU B 289 28.83 -9.51 -2.97
N GLY B 290 28.68 -8.23 -3.31
CA GLY B 290 28.59 -7.79 -4.72
C GLY B 290 27.16 -7.86 -5.34
N TYR B 291 26.14 -8.34 -4.60
CA TYR B 291 24.74 -8.37 -5.13
C TYR B 291 24.05 -7.06 -4.90
N GLU B 292 23.01 -6.77 -5.71
CA GLU B 292 22.17 -5.57 -5.53
C GLU B 292 20.86 -5.86 -4.85
N ASN B 293 20.58 -5.00 -3.86
CA ASN B 293 19.30 -5.00 -3.12
C ASN B 293 18.53 -3.72 -3.32
N PRO B 294 17.19 -3.80 -3.31
CA PRO B 294 16.42 -2.56 -3.58
C PRO B 294 16.62 -1.55 -2.47
N ASP B 295 16.76 -0.26 -2.82
CA ASP B 295 16.80 0.82 -1.78
C ASP B 295 15.46 0.87 -1.07
N LEU B 296 15.49 1.27 0.18
CA LEU B 296 14.27 1.78 0.90
C LEU B 296 13.70 2.81 -0.08
N GLY B 297 12.41 2.93 -0.26
CA GLY B 297 12.13 3.91 -1.34
C GLY B 297 11.72 3.29 -2.69
N THR B 298 12.34 2.15 -3.05
CA THR B 298 11.85 1.42 -4.26
C THR B 298 10.36 1.06 -4.07
N PHE B 299 9.48 1.50 -4.94
CA PHE B 299 8.06 1.13 -4.79
C PHE B 299 7.94 -0.36 -4.42
N PHE B 300 7.18 -0.68 -3.39
CA PHE B 300 7.32 -1.96 -2.69
C PHE B 300 6.88 -3.19 -3.61
N LEU B 301 6.06 -2.98 -4.61
CA LEU B 301 5.66 -4.07 -5.52
C LEU B 301 6.80 -4.54 -6.37
N MET B 302 7.93 -3.84 -6.35
CA MET B 302 9.09 -4.23 -7.12
C MET B 302 10.22 -4.79 -6.27
N ASP B 303 9.96 -5.05 -5.02
CA ASP B 303 10.97 -5.57 -4.12
C ASP B 303 11.53 -6.90 -4.53
N THR B 304 10.68 -7.89 -4.77
CA THR B 304 11.15 -9.19 -5.18
C THR B 304 11.84 -9.13 -6.54
N THR B 305 11.20 -8.47 -7.53
CA THR B 305 11.75 -8.47 -8.84
C THR B 305 13.15 -7.74 -8.73
N SER B 306 13.28 -6.70 -7.90
CA SER B 306 14.61 -6.00 -7.75
C SER B 306 15.63 -7.00 -7.20
N ARG B 307 15.28 -7.74 -6.15
CA ARG B 307 16.17 -8.85 -5.69
C ARG B 307 16.56 -9.93 -6.75
N ILE B 308 15.61 -10.30 -7.61
CA ILE B 308 15.90 -11.40 -8.54
C ILE B 308 16.94 -10.88 -9.55
N ILE B 309 16.70 -9.67 -10.04
CA ILE B 309 17.62 -9.00 -10.95
C ILE B 309 19.02 -8.82 -10.34
N GLY B 310 19.00 -8.37 -9.09
CA GLY B 310 20.21 -7.90 -8.38
C GLY B 310 21.05 -9.07 -7.91
N HIS B 311 20.49 -10.29 -7.89
CA HIS B 311 21.27 -11.51 -7.61
C HIS B 311 21.71 -12.27 -8.86
N ASP B 312 21.59 -11.66 -10.03
CA ASP B 312 22.07 -12.35 -11.21
C ASP B 312 23.52 -12.91 -11.09
N ALA B 313 23.78 -14.08 -11.69
CA ALA B 313 25.16 -14.57 -11.85
C ALA B 313 26.08 -13.58 -12.58
N ARG B 314 25.58 -12.78 -13.53
CA ARG B 314 26.45 -11.86 -14.26
C ARG B 314 26.38 -10.48 -13.52
N GLU B 315 27.51 -10.05 -12.99
CA GLU B 315 27.62 -8.84 -12.22
C GLU B 315 27.06 -7.57 -12.89
N GLU B 316 27.37 -7.36 -14.18
CA GLU B 316 26.92 -6.16 -14.91
C GLU B 316 25.39 -6.12 -15.18
N TRP B 317 24.68 -7.21 -14.84
CA TRP B 317 23.19 -7.35 -15.04
C TRP B 317 22.47 -7.10 -13.73
N ARG B 318 23.21 -6.59 -12.72
CA ARG B 318 22.60 -6.45 -11.39
C ARG B 318 21.94 -5.15 -11.01
N LYS B 319 22.62 -4.01 -11.18
CA LYS B 319 22.12 -2.69 -10.75
C LYS B 319 20.79 -2.51 -11.48
N ASN B 320 19.79 -2.06 -10.78
CA ASN B 320 18.49 -1.98 -11.44
C ASN B 320 17.62 -0.88 -10.85
N ASP B 321 16.50 -0.61 -11.54
CA ASP B 321 15.50 0.40 -11.12
C ASP B 321 14.25 -0.24 -10.43
N GLY B 322 14.39 -1.52 -10.03
CA GLY B 322 13.27 -2.24 -9.37
C GLY B 322 12.77 -3.38 -10.31
N VAL B 323 12.82 -3.15 -11.63
CA VAL B 323 12.24 -4.14 -12.57
C VAL B 323 13.03 -4.27 -13.92
N VAL B 324 13.92 -3.31 -14.20
CA VAL B 324 14.78 -3.28 -15.41
C VAL B 324 16.26 -3.04 -14.98
N PRO B 325 17.17 -3.94 -15.36
CA PRO B 325 18.58 -3.62 -14.95
C PRO B 325 19.16 -2.46 -15.79
N VAL B 326 20.11 -1.71 -15.21
CA VAL B 326 20.70 -0.57 -15.92
C VAL B 326 21.23 -0.93 -17.31
N ILE B 327 21.98 -2.05 -17.44
CA ILE B 327 22.65 -2.45 -18.76
C ILE B 327 21.45 -2.61 -19.72
N SER B 328 20.23 -2.80 -19.28
CA SER B 328 19.11 -2.97 -20.31
C SER B 328 18.49 -1.62 -20.74
N SER B 329 18.43 -0.65 -19.81
CA SER B 329 17.78 0.64 -20.06
C SER B 329 18.67 1.59 -20.86
N LEU B 330 19.98 1.46 -20.72
CA LEU B 330 20.92 2.53 -21.20
C LEU B 330 20.79 2.68 -22.75
N HIS B 331 20.77 1.55 -23.49
CA HIS B 331 20.63 1.50 -24.97
C HIS B 331 20.52 0.05 -25.46
N PRO B 332 19.94 -0.17 -26.68
CA PRO B 332 19.92 -1.58 -27.19
C PRO B 332 21.38 -1.99 -27.34
N SER B 333 21.74 -3.21 -26.94
CA SER B 333 23.14 -3.53 -26.81
C SER B 333 23.89 -3.59 -28.13
N ASN B 334 23.21 -3.71 -29.24
CA ASN B 334 23.94 -3.86 -30.51
C ASN B 334 23.73 -2.59 -31.32
N GLN B 335 23.32 -1.48 -30.69
CA GLN B 335 23.07 -0.28 -31.49
C GLN B 335 24.00 0.89 -31.03
N PRO B 336 24.30 1.89 -31.92
CA PRO B 336 25.30 2.89 -31.52
C PRO B 336 24.77 3.84 -30.47
N PHE B 337 25.66 4.14 -29.53
CA PHE B 337 25.28 5.04 -28.46
C PHE B 337 26.44 5.99 -28.09
N VAL B 338 26.10 7.09 -27.42
CA VAL B 338 27.08 8.01 -26.89
C VAL B 338 26.53 8.52 -25.53
N ASN B 339 27.38 8.46 -24.49
CA ASN B 339 27.11 9.10 -23.19
C ASN B 339 27.14 10.57 -23.27
N VAL B 340 26.14 11.18 -22.67
CA VAL B 340 25.94 12.61 -22.75
C VAL B 340 25.85 12.97 -21.26
N THR B 341 26.27 14.18 -21.02
CA THR B 341 26.12 14.97 -19.81
C THR B 341 24.74 15.52 -19.75
N ASN B 342 24.21 15.88 -18.56
CA ASN B 342 22.91 16.66 -18.46
C ASN B 342 22.87 17.98 -19.19
N ASN B 343 24.02 18.66 -19.34
CA ASN B 343 24.04 19.96 -20.01
C ASN B 343 24.23 19.97 -21.55
N GLU B 344 24.65 18.86 -22.17
CA GLU B 344 24.86 18.80 -23.64
C GLU B 344 23.55 18.97 -24.37
N PRO B 345 23.44 19.82 -25.41
CA PRO B 345 22.10 19.73 -26.10
C PRO B 345 21.93 18.26 -26.61
N ALA B 346 20.80 17.69 -26.48
CA ALA B 346 20.70 16.25 -26.83
C ALA B 346 20.17 16.18 -28.28
N THR B 347 21.03 16.53 -29.20
CA THR B 347 20.63 17.09 -30.47
C THR B 347 21.34 16.39 -31.65
N ARG B 348 22.21 15.42 -31.36
CA ARG B 348 22.77 14.54 -32.38
C ARG B 348 21.66 13.57 -32.88
N ARG B 349 21.62 13.43 -34.19
CA ARG B 349 20.74 12.56 -34.94
C ARG B 349 21.39 11.16 -35.04
N GLY B 350 20.62 10.07 -35.13
CA GLY B 350 21.12 8.69 -35.44
C GLY B 350 21.90 7.84 -34.46
N ILE B 351 21.95 8.21 -33.19
CA ILE B 351 22.81 7.48 -32.26
C ILE B 351 22.08 7.72 -30.93
N TRP B 352 22.10 6.68 -30.08
CA TRP B 352 21.40 6.73 -28.77
C TRP B 352 22.20 7.65 -27.82
N GLN B 353 21.58 8.77 -27.43
CA GLN B 353 22.25 9.71 -26.52
C GLN B 353 21.91 9.29 -25.10
N VAL B 354 22.87 8.69 -24.36
CA VAL B 354 22.50 8.15 -23.07
C VAL B 354 22.69 9.12 -21.90
N LYS B 355 21.56 9.53 -21.36
CA LYS B 355 21.50 10.45 -20.23
C LYS B 355 22.13 9.96 -18.96
N PRO B 356 22.71 10.85 -18.10
CA PRO B 356 23.28 10.26 -16.83
C PRO B 356 22.12 9.69 -16.01
N ILE B 357 22.41 8.60 -15.32
CA ILE B 357 21.52 7.79 -14.53
C ILE B 357 20.88 8.60 -13.44
N LEU B 358 19.56 8.46 -13.24
CA LEU B 358 18.92 9.19 -12.10
C LEU B 358 19.01 8.37 -10.85
N GLN B 359 19.85 8.79 -9.93
CA GLN B 359 20.12 8.07 -8.67
C GLN B 359 18.94 8.15 -7.81
N GLY B 360 18.51 7.03 -7.21
CA GLY B 360 17.37 7.04 -6.37
C GLY B 360 16.06 6.88 -7.20
N TRP B 361 16.04 6.98 -8.54
CA TRP B 361 14.74 6.90 -9.27
C TRP B 361 14.44 5.45 -9.58
N ASP B 362 13.35 4.89 -9.03
CA ASP B 362 12.99 3.57 -9.46
C ASP B 362 12.14 3.63 -10.69
N HIS B 363 11.71 2.45 -11.19
CA HIS B 363 10.99 2.37 -12.53
C HIS B 363 9.75 3.23 -12.61
N VAL B 364 9.01 3.35 -11.48
CA VAL B 364 7.78 4.10 -11.51
C VAL B 364 7.95 5.53 -11.03
N ASP B 365 9.10 5.87 -10.42
CA ASP B 365 9.34 7.29 -10.09
C ASP B 365 9.42 8.06 -11.39
N PHE B 366 9.90 7.42 -12.49
CA PHE B 366 9.79 8.10 -13.83
C PHE B 366 8.39 8.64 -14.24
N ILE B 367 7.33 8.03 -13.68
CA ILE B 367 6.00 8.54 -14.05
C ILE B 367 5.24 8.99 -12.81
N GLY B 368 5.99 9.19 -11.68
CA GLY B 368 5.45 9.89 -10.49
C GLY B 368 4.35 9.12 -9.75
N VAL B 369 4.20 7.82 -9.98
CA VAL B 369 3.03 7.09 -9.31
C VAL B 369 3.53 6.40 -8.05
N ASP B 370 4.80 6.60 -7.68
CA ASP B 370 5.20 6.09 -6.40
C ASP B 370 4.74 6.97 -5.24
N PHE B 371 3.48 6.78 -4.82
CA PHE B 371 2.88 7.77 -3.86
C PHE B 371 3.47 7.50 -2.48
N LEU B 372 4.31 6.52 -2.32
CA LEU B 372 4.83 6.24 -0.97
C LEU B 372 6.29 6.79 -0.83
N ASP B 373 6.87 7.40 -1.88
CA ASP B 373 8.24 7.77 -1.79
C ASP B 373 8.29 9.30 -1.73
N PHE B 374 8.42 9.84 -0.52
CA PHE B 374 8.44 11.31 -0.34
C PHE B 374 9.72 11.97 -0.75
N LYS B 375 10.79 11.20 -1.00
CA LYS B 375 12.06 11.78 -1.60
C LYS B 375 11.82 12.29 -3.00
N ARG B 376 10.78 11.80 -3.72
CA ARG B 376 10.65 12.11 -5.14
C ARG B 376 9.43 13.01 -5.20
N LYS B 377 9.65 14.29 -5.43
CA LYS B 377 8.62 15.28 -5.34
C LYS B 377 8.11 15.79 -6.66
N GLY B 378 6.92 16.40 -6.63
CA GLY B 378 6.35 16.97 -7.85
C GLY B 378 7.20 17.93 -8.63
N SER B 379 7.82 18.89 -7.90
CA SER B 379 8.64 19.91 -8.62
C SER B 379 9.90 19.28 -9.30
N GLU B 380 10.49 18.24 -8.71
CA GLU B 380 11.55 17.51 -9.36
C GLU B 380 10.97 16.88 -10.69
N LEU B 381 9.76 16.31 -10.61
CA LEU B 381 9.27 15.55 -11.75
C LEU B 381 8.88 16.54 -12.84
N ALA B 382 8.28 17.69 -12.44
CA ALA B 382 8.02 18.79 -13.41
C ALA B 382 9.35 19.20 -14.13
N ASN B 383 10.47 19.38 -13.40
CA ASN B 383 11.75 19.79 -14.11
C ASN B 383 12.18 18.72 -15.01
N PHE B 384 11.98 17.43 -14.63
CA PHE B 384 12.40 16.36 -15.53
C PHE B 384 11.62 16.41 -16.86
N TYR B 385 10.32 16.67 -16.80
CA TYR B 385 9.52 16.63 -18.06
C TYR B 385 9.73 17.90 -18.90
N ILE B 386 9.86 19.07 -18.23
CA ILE B 386 10.22 20.32 -18.95
C ILE B 386 11.57 20.10 -19.66
N GLY B 387 12.50 19.45 -18.96
CA GLY B 387 13.83 19.15 -19.55
C GLY B 387 13.59 18.34 -20.86
N ILE B 388 12.65 17.33 -20.88
CA ILE B 388 12.54 16.55 -22.08
C ILE B 388 11.92 17.49 -23.16
N ILE B 389 10.85 18.21 -22.84
CA ILE B 389 10.30 19.16 -23.83
C ILE B 389 11.40 20.10 -24.37
N ASN B 390 12.30 20.59 -23.49
CA ASN B 390 13.35 21.48 -23.95
C ASN B 390 14.22 20.77 -24.91
N ASP B 391 14.58 19.51 -24.62
CA ASP B 391 15.42 18.84 -25.63
C ASP B 391 14.68 18.73 -26.97
N LEU B 392 13.37 18.48 -26.91
CA LEU B 392 12.53 18.33 -28.13
C LEU B 392 12.44 19.68 -28.86
N LEU B 393 12.26 20.77 -28.12
CA LEU B 393 12.33 22.09 -28.76
C LEU B 393 13.63 22.25 -29.49
N SER B 394 14.71 21.68 -28.97
CA SER B 394 15.97 21.91 -29.67
C SER B 394 16.24 21.00 -30.85
N VAL B 395 15.58 19.84 -30.87
CA VAL B 395 15.47 19.06 -32.11
C VAL B 395 14.76 19.92 -33.18
N GLU B 396 13.64 20.51 -32.80
CA GLU B 396 12.90 21.38 -33.72
C GLU B 396 13.83 22.46 -34.23
N ALA B 397 14.46 23.25 -33.35
CA ALA B 397 15.33 24.35 -33.79
C ALA B 397 16.52 23.92 -34.63
N THR B 398 17.11 22.74 -34.43
CA THR B 398 18.36 22.39 -35.15
C THR B 398 18.09 21.55 -36.36
N GLU B 399 16.90 21.68 -36.93
CA GLU B 399 16.53 20.93 -38.11
C GLU B 399 16.70 21.94 -39.19
#